data_8CIL
#
_entry.id   8CIL
#
_cell.length_a   69.621
_cell.length_b   124.378
_cell.length_c   71.636
_cell.angle_alpha   90.000
_cell.angle_beta   98.134
_cell.angle_gamma   90.000
#
_symmetry.space_group_name_H-M   'P 1 21 1'
#
loop_
_entity.id
_entity.type
_entity.pdbx_description
1 polymer 'Fic family protein'
2 water water
#
_entity_poly.entity_id   1
_entity_poly.type   'polypeptide(L)'
_entity_poly.pdbx_seq_one_letter_code
;GHMSHWIWQHKDWPHFFWDEKLLSSHLSSARLVQGKLLGIIHTINQQTARQMNAFVLADQAVDTSAIEGEHLNRDSVRSS
IANRLGLKQVGINKPVDRYIEGLLDMLLDATENYEQPLTLERLYGWHAALFPTGYSGIHKITVAALRKTDPMQIVSGRPG
KIKVHYEAPPSKRVNKEMRIFLNWFNKKDLDGLLRAGIAHLWFELLHPFDDGNGRIGRAIIDLTLAQDEKQNVRYYSLSS
AIMQDRKNYYTQLGKSCRGNMDITLWLIWFINCFKTAIHQAFELIDDITLKSRFWEKHATTELNARQIKVLNRLLDAGKK
GFIGGMTTRKYTQLTKTSRTTAYRELHDLVLKKCLKPLTKKGRSAAYEIRWVNKEHKSKK
;
_entity_poly.pdbx_strand_id   A,B
#
# COMPACT_ATOMS: atom_id res chain seq x y z
N MET A 3 -21.74 -4.33 35.77
CA MET A 3 -22.98 -5.09 35.68
C MET A 3 -24.18 -4.32 36.22
N SER A 4 -23.96 -3.08 36.65
CA SER A 4 -24.99 -2.31 37.32
C SER A 4 -25.78 -1.39 36.40
N HIS A 5 -25.20 -0.98 35.29
CA HIS A 5 -25.71 0.08 34.43
C HIS A 5 -25.34 -0.29 32.99
N TRP A 6 -26.20 0.06 32.03
CA TRP A 6 -25.84 -0.02 30.60
C TRP A 6 -24.79 1.05 30.25
N ILE A 7 -24.00 0.80 29.21
CA ILE A 7 -22.92 1.76 28.90
C ILE A 7 -23.50 3.15 28.63
N TRP A 8 -24.69 3.23 27.99
CA TRP A 8 -25.26 4.54 27.69
C TRP A 8 -25.85 5.24 28.90
N GLN A 9 -25.88 4.59 30.10
CA GLN A 9 -26.22 5.27 31.35
C GLN A 9 -25.00 5.85 32.07
N HIS A 10 -23.79 5.57 31.59
CA HIS A 10 -22.59 6.02 32.26
C HIS A 10 -22.58 7.55 32.37
N LYS A 11 -22.09 8.09 33.49
CA LYS A 11 -22.08 9.55 33.59
C LYS A 11 -21.21 10.22 32.52
N ASP A 12 -20.20 9.55 31.96
CA ASP A 12 -19.38 10.18 30.92
C ASP A 12 -19.81 9.79 29.49
N TRP A 13 -20.94 9.11 29.33
CA TRP A 13 -21.43 8.81 27.97
C TRP A 13 -21.67 10.11 27.20
N PRO A 14 -21.35 10.17 25.90
CA PRO A 14 -20.75 9.17 25.01
C PRO A 14 -19.24 9.47 24.78
N HIS A 15 -18.51 9.87 25.81
CA HIS A 15 -17.11 10.32 25.61
C HIS A 15 -16.17 9.14 25.69
N PHE A 16 -16.13 8.35 24.62
CA PHE A 16 -15.28 7.18 24.58
C PHE A 16 -13.82 7.61 24.68
N PHE A 17 -12.99 6.76 25.28
CA PHE A 17 -11.54 7.02 25.25
C PHE A 17 -10.81 5.68 25.13
N TRP A 18 -9.51 5.78 24.86
CA TRP A 18 -8.69 4.56 24.66
C TRP A 18 -7.23 4.86 25.00
N ASP A 19 -6.39 3.83 24.97
CA ASP A 19 -4.94 3.98 25.28
C ASP A 19 -4.19 4.30 23.98
N GLU A 20 -3.89 5.58 23.76
CA GLU A 20 -3.23 6.01 22.50
C GLU A 20 -1.88 5.31 22.32
N LYS A 21 -1.15 5.04 23.40
CA LYS A 21 0.20 4.44 23.27
C LYS A 21 0.09 2.99 22.80
N LEU A 22 -0.84 2.23 23.38
CA LEU A 22 -1.02 0.82 23.00
C LEU A 22 -1.53 0.70 21.56
N LEU A 23 -2.39 1.62 21.15
CA LEU A 23 -3.01 1.51 19.81
C LEU A 23 -2.04 1.96 18.71
N SER A 24 -1.06 2.77 19.07
CA SER A 24 -0.16 3.27 18.01
C SER A 24 0.40 2.17 17.11
N SER A 25 0.93 1.10 17.70
CA SER A 25 1.53 0.05 16.89
C SER A 25 0.49 -0.71 16.10
N HIS A 26 -0.74 -0.81 16.59
CA HIS A 26 -1.80 -1.46 15.80
C HIS A 26 -2.16 -0.59 14.58
N LEU A 27 -2.28 0.71 14.77
CA LEU A 27 -2.61 1.65 13.66
C LEU A 27 -1.51 1.66 12.60
N SER A 28 -0.27 1.73 13.03
CA SER A 28 0.87 1.75 12.08
C SER A 28 0.86 0.47 11.25
N SER A 29 0.69 -0.67 11.91
CA SER A 29 0.65 -1.98 11.22
C SER A 29 -0.54 -2.03 10.25
N ALA A 30 -1.69 -1.51 10.68
CA ALA A 30 -2.84 -1.50 9.78
C ALA A 30 -2.61 -0.62 8.55
N ARG A 31 -2.04 0.57 8.76
CA ARG A 31 -1.77 1.46 7.64
C ARG A 31 -0.81 0.83 6.63
N LEU A 32 0.19 0.11 7.12
CA LEU A 32 1.15 -0.53 6.22
C LEU A 32 0.44 -1.53 5.27
N VAL A 33 -0.42 -2.41 5.81
CA VAL A 33 -1.03 -3.40 4.89
C VAL A 33 -2.10 -2.73 4.05
N GLN A 34 -2.82 -1.74 4.60
CA GLN A 34 -3.75 -0.97 3.80
C GLN A 34 -3.03 -0.30 2.63
N GLY A 35 -1.89 0.34 2.87
CA GLY A 35 -1.18 0.96 1.77
C GLY A 35 -0.74 -0.07 0.74
N LYS A 36 -0.27 -1.23 1.21
CA LYS A 36 0.17 -2.25 0.26
C LYS A 36 -0.98 -2.61 -0.69
N LEU A 37 -2.17 -2.86 -0.14
CA LEU A 37 -3.32 -3.17 -1.01
C LEU A 37 -3.64 -2.02 -1.95
N LEU A 38 -3.67 -0.79 -1.42
CA LEU A 38 -3.98 0.36 -2.27
C LEU A 38 -2.94 0.52 -3.39
N GLY A 39 -1.67 0.20 -3.11
CA GLY A 39 -0.64 0.34 -4.14
C GLY A 39 -0.83 -0.73 -5.22
N ILE A 40 -1.15 -1.94 -4.81
CA ILE A 40 -1.49 -2.98 -5.81
C ILE A 40 -2.67 -2.52 -6.67
N ILE A 41 -3.73 -2.02 -6.03
CA ILE A 41 -4.91 -1.64 -6.78
C ILE A 41 -4.59 -0.52 -7.77
N HIS A 42 -3.80 0.44 -7.35
CA HIS A 42 -3.41 1.54 -8.21
C HIS A 42 -2.62 1.05 -9.43
N THR A 43 -1.94 -0.10 -9.32
CA THR A 43 -0.97 -0.54 -10.35
C THR A 43 -1.54 -1.56 -11.30
N ILE A 44 -2.52 -2.38 -10.88
CA ILE A 44 -3.16 -3.34 -11.84
C ILE A 44 -3.98 -2.59 -12.88
N ASN A 45 -4.28 -3.27 -14.00
CA ASN A 45 -5.07 -2.58 -15.03
C ASN A 45 -6.56 -2.50 -14.63
N GLN A 46 -7.30 -1.68 -15.40
CA GLN A 46 -8.72 -1.40 -15.13
C GLN A 46 -9.57 -2.67 -15.10
N GLN A 47 -9.34 -3.58 -16.04
CA GLN A 47 -10.16 -4.79 -16.12
C GLN A 47 -9.99 -5.62 -14.85
N THR A 48 -8.74 -5.74 -14.38
CA THR A 48 -8.45 -6.50 -13.17
C THR A 48 -9.08 -5.84 -11.95
N ALA A 49 -8.99 -4.50 -11.87
CA ALA A 49 -9.59 -3.83 -10.72
C ALA A 49 -11.09 -4.04 -10.71
N ARG A 50 -11.71 -4.06 -11.89
CA ARG A 50 -13.15 -4.24 -11.93
C ARG A 50 -13.59 -5.65 -11.52
N GLN A 51 -12.83 -6.69 -11.91
CA GLN A 51 -13.14 -8.03 -11.44
C GLN A 51 -13.08 -8.12 -9.92
N MET A 52 -12.06 -7.49 -9.33
CA MET A 52 -11.90 -7.45 -7.88
C MET A 52 -13.10 -6.77 -7.23
N ASN A 53 -13.48 -5.61 -7.75
CA ASN A 53 -14.67 -4.88 -7.32
C ASN A 53 -15.91 -5.80 -7.29
N ALA A 54 -16.19 -6.48 -8.40
CA ALA A 54 -17.40 -7.32 -8.47
C ALA A 54 -17.37 -8.45 -7.44
N PHE A 55 -16.20 -9.03 -7.22
CA PHE A 55 -16.11 -10.13 -6.27
C PHE A 55 -16.27 -9.65 -4.83
N VAL A 56 -15.64 -8.52 -4.49
CA VAL A 56 -15.70 -8.03 -3.13
C VAL A 56 -17.11 -7.56 -2.82
N LEU A 57 -17.75 -6.94 -3.81
CA LEU A 57 -19.11 -6.48 -3.65
C LEU A 57 -20.07 -7.67 -3.43
N ALA A 58 -19.87 -8.82 -4.12
CA ALA A 58 -20.72 -9.97 -3.80
C ALA A 58 -20.46 -10.46 -2.37
N ASP A 59 -19.17 -10.54 -1.95
CA ASP A 59 -18.86 -10.92 -0.57
C ASP A 59 -19.49 -9.94 0.42
N GLN A 60 -19.41 -8.64 0.11
CA GLN A 60 -20.01 -7.64 0.98
C GLN A 60 -21.50 -7.92 1.17
N ALA A 61 -22.21 -8.12 0.06
CA ALA A 61 -23.67 -8.33 0.12
C ALA A 61 -24.01 -9.63 0.83
N VAL A 62 -23.38 -10.73 0.42
CA VAL A 62 -23.70 -12.02 1.01
C VAL A 62 -23.39 -12.02 2.50
N ASP A 63 -22.19 -11.51 2.86
CA ASP A 63 -21.72 -11.67 4.24
C ASP A 63 -22.38 -10.71 5.23
N THR A 64 -22.63 -9.47 4.81
CA THR A 64 -23.35 -8.58 5.73
C THR A 64 -24.78 -9.10 5.98
N SER A 65 -25.38 -9.79 5.01
CA SER A 65 -26.70 -10.42 5.22
C SER A 65 -26.59 -11.67 6.12
N ALA A 66 -25.58 -12.48 5.86
CA ALA A 66 -25.39 -13.70 6.62
C ALA A 66 -25.10 -13.40 8.10
N ILE A 67 -24.46 -12.27 8.39
CA ILE A 67 -24.24 -11.92 9.80
C ILE A 67 -25.58 -11.86 10.53
N GLU A 68 -26.64 -11.42 9.85
CA GLU A 68 -27.99 -11.32 10.40
C GLU A 68 -28.83 -12.56 10.19
N GLY A 69 -28.25 -13.66 9.73
CA GLY A 69 -29.08 -14.83 9.51
C GLY A 69 -29.87 -14.78 8.23
N GLU A 70 -29.55 -13.86 7.31
CA GLU A 70 -30.28 -13.75 6.05
C GLU A 70 -29.38 -14.34 4.96
N HIS A 71 -29.80 -15.44 4.37
CA HIS A 71 -28.91 -16.21 3.49
C HIS A 71 -29.31 -16.02 2.03
N LEU A 72 -28.49 -15.24 1.29
CA LEU A 72 -28.73 -14.87 -0.09
C LEU A 72 -28.20 -15.93 -1.03
N ASN A 73 -28.89 -16.11 -2.15
CA ASN A 73 -28.38 -16.91 -3.25
C ASN A 73 -27.23 -16.16 -3.94
N ARG A 74 -26.03 -16.73 -3.88
CA ARG A 74 -24.86 -16.04 -4.40
C ARG A 74 -24.92 -15.80 -5.90
N ASP A 75 -25.50 -16.74 -6.64
CA ASP A 75 -25.69 -16.55 -8.08
C ASP A 75 -26.59 -15.35 -8.37
N SER A 76 -27.65 -15.15 -7.58
CA SER A 76 -28.49 -13.97 -7.82
C SER A 76 -27.73 -12.70 -7.59
N VAL A 77 -26.95 -12.65 -6.52
CA VAL A 77 -26.14 -11.49 -6.20
C VAL A 77 -25.16 -11.20 -7.35
N ARG A 78 -24.47 -12.24 -7.84
CA ARG A 78 -23.51 -12.07 -8.92
C ARG A 78 -24.17 -11.57 -10.18
N SER A 79 -25.38 -12.09 -10.48
CA SER A 79 -26.10 -11.64 -11.66
C SER A 79 -26.46 -10.17 -11.56
N SER A 80 -26.91 -9.76 -10.39
CA SER A 80 -27.26 -8.35 -10.24
C SER A 80 -26.00 -7.47 -10.30
N ILE A 81 -24.91 -7.91 -9.69
CA ILE A 81 -23.67 -7.11 -9.75
C ILE A 81 -23.15 -7.01 -11.19
N ALA A 82 -23.23 -8.10 -11.95
CA ALA A 82 -22.70 -8.10 -13.33
C ALA A 82 -23.46 -7.08 -14.19
N ASN A 83 -24.77 -7.00 -14.02
CA ASN A 83 -25.60 -6.03 -14.78
C ASN A 83 -25.19 -4.60 -14.41
N ARG A 84 -25.00 -4.33 -13.12
CA ARG A 84 -24.66 -2.97 -12.65
C ARG A 84 -23.26 -2.54 -13.11
N LEU A 85 -22.30 -3.46 -13.09
CA LEU A 85 -20.90 -3.07 -13.41
C LEU A 85 -20.60 -3.28 -14.91
N GLY A 86 -21.59 -3.67 -15.69
CA GLY A 86 -21.38 -3.82 -17.15
C GLY A 86 -20.50 -5.01 -17.45
N LEU A 87 -20.63 -6.07 -16.66
CA LEU A 87 -19.83 -7.30 -16.89
C LEU A 87 -20.69 -8.32 -17.63
N LYS A 88 -20.06 -9.35 -18.18
CA LYS A 88 -20.74 -10.35 -18.98
C LYS A 88 -21.83 -11.00 -18.11
N GLN A 89 -22.95 -11.32 -18.75
CA GLN A 89 -24.15 -11.70 -18.02
C GLN A 89 -23.93 -12.99 -17.25
N VAL A 90 -24.42 -13.02 -16.01
CA VAL A 90 -24.29 -14.17 -15.13
C VAL A 90 -25.67 -14.81 -15.01
N GLY A 91 -25.83 -15.99 -15.63
CA GLY A 91 -27.11 -16.68 -15.61
C GLY A 91 -28.20 -15.99 -16.42
N ILE A 92 -29.35 -16.67 -16.56
CA ILE A 92 -30.49 -16.06 -17.25
C ILE A 92 -31.09 -14.95 -16.41
N ASN A 93 -31.43 -13.84 -17.06
CA ASN A 93 -31.97 -12.68 -16.33
C ASN A 93 -33.34 -13.04 -15.77
N LYS A 94 -33.41 -13.21 -14.45
CA LYS A 94 -34.59 -13.58 -13.71
C LYS A 94 -35.19 -12.33 -13.07
N PRO A 95 -36.45 -12.38 -12.59
CA PRO A 95 -37.02 -11.22 -11.87
C PRO A 95 -36.14 -10.81 -10.70
N VAL A 96 -36.15 -9.51 -10.40
CA VAL A 96 -35.23 -8.97 -9.40
C VAL A 96 -35.74 -9.27 -8.00
N ASP A 97 -34.79 -9.49 -7.12
CA ASP A 97 -35.02 -9.55 -5.69
C ASP A 97 -34.85 -8.13 -5.18
N ARG A 98 -35.95 -7.51 -4.74
CA ARG A 98 -35.88 -6.11 -4.33
C ARG A 98 -34.93 -5.91 -3.18
N TYR A 99 -34.84 -6.92 -2.30
CA TYR A 99 -33.91 -6.82 -1.20
C TYR A 99 -32.46 -6.79 -1.73
N ILE A 100 -32.12 -7.62 -2.71
CA ILE A 100 -30.71 -7.63 -3.19
C ILE A 100 -30.38 -6.28 -3.83
N GLU A 101 -31.28 -5.74 -4.63
CA GLU A 101 -31.02 -4.46 -5.35
C GLU A 101 -30.92 -3.30 -4.35
N GLY A 102 -31.79 -3.28 -3.35
CA GLY A 102 -31.74 -2.24 -2.32
C GLY A 102 -30.45 -2.35 -1.53
N LEU A 103 -30.09 -3.58 -1.16
CA LEU A 103 -28.86 -3.79 -0.42
C LEU A 103 -27.67 -3.29 -1.25
N LEU A 104 -27.63 -3.61 -2.54
CA LEU A 104 -26.56 -3.10 -3.38
C LEU A 104 -26.64 -1.59 -3.47
N ASP A 105 -27.86 -1.01 -3.53
CA ASP A 105 -27.95 0.45 -3.64
C ASP A 105 -27.33 1.11 -2.41
N MET A 106 -27.60 0.54 -1.23
CA MET A 106 -27.04 1.05 0.00
C MET A 106 -25.51 0.91 0.01
N LEU A 107 -24.98 -0.30 -0.28
CA LEU A 107 -23.54 -0.49 -0.25
C LEU A 107 -22.84 0.44 -1.23
N LEU A 108 -23.42 0.62 -2.41
CA LEU A 108 -22.78 1.47 -3.42
C LEU A 108 -22.89 2.95 -3.04
N ASP A 109 -24.04 3.41 -2.52
CA ASP A 109 -24.11 4.78 -2.03
C ASP A 109 -23.07 5.05 -0.89
N ALA A 110 -22.83 4.08 -0.03
CA ALA A 110 -21.93 4.30 1.11
C ALA A 110 -20.48 4.49 0.63
N THR A 111 -20.06 3.71 -0.38
CA THR A 111 -18.68 3.87 -0.77
C THR A 111 -18.52 4.88 -1.90
N GLU A 112 -19.52 5.10 -2.78
CA GLU A 112 -19.32 6.02 -3.93
C GLU A 112 -19.57 7.48 -3.58
N ASN A 113 -20.55 7.73 -2.72
CA ASN A 113 -20.83 9.12 -2.34
C ASN A 113 -20.15 9.45 -1.02
N TYR A 114 -18.83 9.30 -0.97
CA TYR A 114 -18.09 9.48 0.31
C TYR A 114 -17.86 10.95 0.67
N GLU A 115 -18.08 11.86 -0.28
CA GLU A 115 -17.87 13.30 -0.03
C GLU A 115 -19.10 13.88 0.66
N GLN A 116 -20.23 13.18 0.57
CA GLN A 116 -21.48 13.65 1.21
C GLN A 116 -21.50 13.25 2.69
N PRO A 117 -21.99 14.11 3.60
CA PRO A 117 -22.10 13.76 5.01
C PRO A 117 -23.11 12.65 5.25
N LEU A 118 -23.02 12.06 6.45
CA LEU A 118 -24.03 11.10 6.89
C LEU A 118 -25.15 11.88 7.58
N THR A 119 -26.39 11.75 7.12
CA THR A 119 -27.49 12.50 7.71
C THR A 119 -28.61 11.51 8.05
N LEU A 120 -29.56 11.94 8.89
CA LEU A 120 -30.71 11.06 9.15
C LEU A 120 -31.40 10.72 7.83
N GLU A 121 -31.56 11.72 6.93
CA GLU A 121 -32.28 11.44 5.67
C GLU A 121 -31.57 10.36 4.85
N ARG A 122 -30.24 10.37 4.87
CA ARG A 122 -29.49 9.37 4.13
C ARG A 122 -29.66 7.99 4.75
N LEU A 123 -29.64 7.92 6.08
CA LEU A 123 -29.90 6.66 6.77
C LEU A 123 -31.32 6.15 6.50
N TYR A 124 -32.30 7.06 6.46
CA TYR A 124 -33.68 6.62 6.15
C TYR A 124 -33.76 6.02 4.76
N GLY A 125 -32.97 6.54 3.83
CA GLY A 125 -33.01 6.00 2.49
C GLY A 125 -32.41 4.61 2.46
N TRP A 126 -31.30 4.43 3.17
CA TRP A 126 -30.74 3.08 3.29
C TRP A 126 -31.75 2.13 3.95
N HIS A 127 -32.45 2.61 4.97
CA HIS A 127 -33.36 1.73 5.70
C HIS A 127 -34.54 1.33 4.83
N ALA A 128 -35.06 2.30 4.02
CA ALA A 128 -36.11 1.96 3.06
C ALA A 128 -35.62 0.94 2.02
N ALA A 129 -34.34 1.03 1.59
CA ALA A 129 -33.80 0.09 0.60
C ALA A 129 -33.78 -1.33 1.13
N LEU A 130 -33.48 -1.49 2.42
CA LEU A 130 -33.42 -2.80 3.05
C LEU A 130 -34.78 -3.39 3.37
N PHE A 131 -35.82 -2.59 3.60
CA PHE A 131 -37.13 -3.14 3.97
C PHE A 131 -38.17 -2.63 2.98
N PRO A 132 -38.07 -3.07 1.71
CA PRO A 132 -38.98 -2.57 0.68
C PRO A 132 -40.45 -2.95 0.93
N THR A 133 -40.75 -4.09 1.57
CA THR A 133 -42.13 -4.47 1.86
C THR A 133 -42.70 -3.82 3.12
N GLY A 134 -41.88 -3.17 3.97
CA GLY A 134 -42.39 -2.65 5.22
C GLY A 134 -42.39 -3.63 6.36
N TYR A 135 -41.91 -4.85 6.11
CA TYR A 135 -41.91 -5.95 7.04
C TYR A 135 -40.48 -6.46 7.24
N SER A 136 -40.22 -6.91 8.44
CA SER A 136 -39.02 -7.69 8.72
C SER A 136 -39.55 -9.10 9.04
N GLY A 137 -39.50 -9.98 8.04
CA GLY A 137 -40.16 -11.28 8.17
C GLY A 137 -41.66 -11.10 8.41
N ILE A 138 -42.15 -11.71 9.49
CA ILE A 138 -43.58 -11.63 9.81
C ILE A 138 -43.97 -10.28 10.42
N HIS A 139 -43.02 -9.58 11.00
CA HIS A 139 -43.37 -8.36 11.76
C HIS A 139 -43.38 -7.08 10.93
N LYS A 140 -44.46 -6.32 11.04
CA LYS A 140 -44.51 -5.00 10.37
C LYS A 140 -43.65 -4.10 11.25
N ILE A 141 -42.77 -3.33 10.62
CA ILE A 141 -41.84 -2.50 11.42
C ILE A 141 -41.89 -1.05 10.94
N THR A 142 -41.38 -0.14 11.75
CA THR A 142 -41.21 1.24 11.32
C THR A 142 -40.06 1.30 10.31
N VAL A 143 -40.32 1.82 9.11
CA VAL A 143 -39.31 1.88 8.04
C VAL A 143 -39.05 3.33 7.68
N ALA A 144 -37.76 3.65 7.40
CA ALA A 144 -37.36 5.00 6.99
C ALA A 144 -37.63 6.03 8.08
N ALA A 145 -37.57 5.62 9.37
CA ALA A 145 -37.73 6.49 10.53
C ALA A 145 -37.10 5.77 11.70
N LEU A 146 -36.70 6.53 12.73
CA LEU A 146 -36.09 5.93 13.91
C LEU A 146 -37.14 5.15 14.72
N ARG A 147 -36.69 4.18 15.50
CA ARG A 147 -37.67 3.40 16.25
C ARG A 147 -38.45 4.27 17.25
N LYS A 148 -39.70 3.88 17.43
CA LYS A 148 -40.64 4.48 18.36
C LYS A 148 -40.92 3.56 19.53
N THR A 149 -40.36 2.37 19.54
CA THR A 149 -40.52 1.45 20.68
C THR A 149 -39.15 1.07 21.22
N ASP A 150 -39.05 -0.10 21.87
CA ASP A 150 -37.73 -0.57 22.39
C ASP A 150 -37.02 -1.43 21.34
N PRO A 151 -35.68 -1.43 21.28
CA PRO A 151 -34.93 -2.12 20.24
C PRO A 151 -35.76 -3.19 19.53
N PRO A 159 -33.88 -16.34 12.94
CA PRO A 159 -33.00 -17.15 12.08
C PRO A 159 -31.68 -17.56 12.75
N GLY A 160 -30.59 -17.43 12.00
CA GLY A 160 -29.22 -17.59 12.47
C GLY A 160 -28.63 -16.37 13.14
N LYS A 161 -29.44 -15.34 13.32
CA LYS A 161 -29.05 -14.13 14.05
C LYS A 161 -28.67 -14.50 15.49
N ILE A 162 -27.57 -13.94 15.98
CA ILE A 162 -27.11 -14.21 17.35
C ILE A 162 -27.84 -13.28 18.31
N LYS A 163 -28.57 -13.84 19.26
CA LYS A 163 -29.28 -13.03 20.24
C LYS A 163 -28.29 -12.51 21.29
N VAL A 164 -28.33 -11.23 21.56
CA VAL A 164 -27.59 -10.69 22.69
C VAL A 164 -28.62 -9.94 23.55
N HIS A 165 -28.64 -10.22 24.86
CA HIS A 165 -29.54 -9.55 25.80
C HIS A 165 -28.98 -8.18 26.20
N TYR A 166 -29.11 -7.21 25.28
CA TYR A 166 -28.66 -5.85 25.42
C TYR A 166 -29.87 -4.93 25.43
N GLU A 167 -29.86 -3.90 26.25
CA GLU A 167 -30.92 -2.91 26.25
C GLU A 167 -30.38 -1.60 25.68
N ALA A 168 -30.95 -1.13 24.59
CA ALA A 168 -30.53 0.12 23.96
C ALA A 168 -31.24 1.30 24.62
N PRO A 169 -30.82 2.53 24.36
CA PRO A 169 -31.48 3.68 25.03
C PRO A 169 -32.96 3.71 24.69
N PRO A 170 -33.80 4.30 25.56
CA PRO A 170 -35.24 4.40 25.25
C PRO A 170 -35.47 5.22 23.99
N SER A 171 -36.55 4.88 23.27
CA SER A 171 -36.82 5.48 21.96
C SER A 171 -37.03 7.00 22.09
N LYS A 172 -37.49 7.48 23.27
CA LYS A 172 -37.66 8.91 23.45
C LYS A 172 -36.35 9.68 23.37
N ARG A 173 -35.21 9.01 23.56
CA ARG A 173 -33.88 9.62 23.56
C ARG A 173 -33.13 9.42 22.23
N VAL A 174 -33.61 8.51 21.36
CA VAL A 174 -32.83 8.04 20.20
C VAL A 174 -32.52 9.19 19.24
N ASN A 175 -33.49 10.07 18.98
CA ASN A 175 -33.25 11.13 18.01
C ASN A 175 -32.15 12.09 18.50
N LYS A 176 -32.21 12.45 19.78
CA LYS A 176 -31.12 13.25 20.35
C LYS A 176 -29.79 12.49 20.30
N GLU A 177 -29.80 11.20 20.66
CA GLU A 177 -28.54 10.45 20.66
C GLU A 177 -27.93 10.41 19.25
N MET A 178 -28.77 10.23 18.25
CA MET A 178 -28.32 10.16 16.87
C MET A 178 -27.79 11.52 16.39
N ARG A 179 -28.43 12.62 16.81
CA ARG A 179 -27.94 13.92 16.38
C ARG A 179 -26.54 14.16 16.91
N ILE A 180 -26.29 13.76 18.17
CA ILE A 180 -24.96 13.87 18.77
C ILE A 180 -23.96 13.01 18.03
N PHE A 181 -24.36 11.75 17.72
CA PHE A 181 -23.49 10.86 16.98
C PHE A 181 -23.15 11.45 15.62
N LEU A 182 -24.17 11.97 14.89
CA LEU A 182 -23.94 12.47 13.52
C LEU A 182 -23.09 13.75 13.52
N ASN A 183 -23.27 14.61 14.53
CA ASN A 183 -22.43 15.78 14.64
C ASN A 183 -20.95 15.40 14.85
N TRP A 184 -20.70 14.39 15.69
CA TRP A 184 -19.34 13.88 15.84
C TRP A 184 -18.82 13.28 14.52
N PHE A 185 -19.64 12.48 13.88
CA PHE A 185 -19.24 11.71 12.69
C PHE A 185 -18.80 12.63 11.57
N ASN A 186 -19.54 13.71 11.34
CA ASN A 186 -19.28 14.56 10.19
C ASN A 186 -18.16 15.55 10.43
N LYS A 187 -17.62 15.61 11.65
CA LYS A 187 -16.44 16.45 11.90
C LYS A 187 -15.18 15.90 11.22
N LYS A 188 -15.06 14.56 11.08
CA LYS A 188 -13.87 13.91 10.48
C LYS A 188 -12.58 14.44 11.10
N ASP A 189 -12.54 14.51 12.44
CA ASP A 189 -11.43 15.16 13.15
C ASP A 189 -10.45 14.18 13.80
N LEU A 190 -10.35 12.95 13.33
CA LEU A 190 -9.47 11.97 13.96
C LEU A 190 -9.07 10.96 12.91
N ASP A 191 -8.11 10.13 13.25
CA ASP A 191 -7.62 9.11 12.34
C ASP A 191 -8.79 8.27 11.77
N GLY A 192 -8.74 8.04 10.45
CA GLY A 192 -9.85 7.38 9.77
C GLY A 192 -10.16 5.98 10.29
N LEU A 193 -9.15 5.21 10.64
CA LEU A 193 -9.47 3.86 11.11
C LEU A 193 -10.13 3.92 12.48
N LEU A 194 -9.65 4.81 13.36
CA LEU A 194 -10.28 4.98 14.67
C LEU A 194 -11.72 5.46 14.51
N ARG A 195 -11.93 6.40 13.61
CA ARG A 195 -13.28 6.89 13.36
C ARG A 195 -14.21 5.75 12.93
N ALA A 196 -13.75 4.87 12.02
CA ALA A 196 -14.59 3.75 11.58
C ALA A 196 -14.92 2.85 12.78
N GLY A 197 -13.94 2.57 13.63
CA GLY A 197 -14.18 1.68 14.77
C GLY A 197 -15.12 2.30 15.79
N ILE A 198 -14.92 3.58 16.10
CA ILE A 198 -15.80 4.26 17.03
C ILE A 198 -17.23 4.36 16.47
N ALA A 199 -17.34 4.77 15.20
CA ALA A 199 -18.66 4.98 14.59
C ALA A 199 -19.48 3.70 14.65
N HIS A 200 -18.84 2.58 14.34
CA HIS A 200 -19.58 1.34 14.31
C HIS A 200 -20.04 0.96 15.72
N LEU A 201 -19.16 1.09 16.72
CA LEU A 201 -19.54 0.69 18.09
C LEU A 201 -20.68 1.58 18.60
N TRP A 202 -20.53 2.89 18.40
CA TRP A 202 -21.47 3.87 18.89
C TRP A 202 -22.84 3.65 18.24
N PHE A 203 -22.85 3.46 16.90
CA PHE A 203 -24.11 3.20 16.21
C PHE A 203 -24.77 1.92 16.72
N GLU A 204 -23.99 0.85 16.87
CA GLU A 204 -24.55 -0.40 17.35
C GLU A 204 -25.16 -0.25 18.75
N LEU A 205 -24.54 0.55 19.61
CA LEU A 205 -25.04 0.68 21.00
C LEU A 205 -26.36 1.48 21.03
N LEU A 206 -26.63 2.24 19.98
CA LEU A 206 -27.87 3.07 19.94
C LEU A 206 -29.04 2.28 19.37
N HIS A 207 -28.79 1.28 18.51
CA HIS A 207 -29.85 0.48 17.85
C HIS A 207 -30.97 1.41 17.41
N PRO A 208 -30.67 2.40 16.54
CA PRO A 208 -31.66 3.43 16.24
C PRO A 208 -32.90 2.99 15.45
N PHE A 209 -32.82 1.88 14.73
CA PHE A 209 -33.94 1.40 13.90
C PHE A 209 -34.59 0.14 14.50
N ASP A 210 -35.83 -0.14 14.08
CA ASP A 210 -36.49 -1.36 14.56
C ASP A 210 -35.69 -2.60 14.15
N ASP A 211 -35.08 -2.58 12.97
CA ASP A 211 -34.30 -3.68 12.42
C ASP A 211 -33.39 -3.06 11.38
N GLY A 212 -32.40 -3.83 10.94
CA GLY A 212 -31.43 -3.33 9.99
C GLY A 212 -30.23 -2.65 10.58
N ASN A 213 -30.09 -2.59 11.90
CA ASN A 213 -29.01 -1.78 12.52
C ASN A 213 -27.61 -2.32 12.18
N GLY A 214 -27.44 -3.63 12.10
CA GLY A 214 -26.13 -4.20 11.83
C GLY A 214 -25.67 -3.90 10.42
N ARG A 215 -26.56 -4.12 9.46
CA ARG A 215 -26.21 -3.88 8.05
C ARG A 215 -25.91 -2.39 7.85
N ILE A 216 -26.75 -1.53 8.41
CA ILE A 216 -26.51 -0.07 8.28
C ILE A 216 -25.23 0.28 9.04
N GLY A 217 -25.01 -0.32 10.21
CA GLY A 217 -23.76 0.02 10.89
C GLY A 217 -22.53 -0.38 10.09
N ARG A 218 -22.57 -1.50 9.35
CA ARG A 218 -21.40 -1.90 8.57
C ARG A 218 -21.28 -1.09 7.29
N ALA A 219 -22.40 -0.59 6.74
CA ALA A 219 -22.31 0.39 5.64
C ALA A 219 -21.68 1.73 6.10
N ILE A 220 -21.91 2.11 7.36
CA ILE A 220 -21.24 3.30 7.90
C ILE A 220 -19.71 3.07 7.94
N ILE A 221 -19.27 1.84 8.31
CA ILE A 221 -17.84 1.52 8.22
C ILE A 221 -17.34 1.77 6.80
N ASP A 222 -18.07 1.27 5.80
CA ASP A 222 -17.69 1.45 4.39
C ASP A 222 -17.60 2.91 4.04
N LEU A 223 -18.61 3.70 4.43
CA LEU A 223 -18.52 5.13 4.18
C LEU A 223 -17.26 5.75 4.83
N THR A 224 -16.98 5.40 6.08
CA THR A 224 -15.84 5.95 6.77
C THR A 224 -14.52 5.59 6.06
N LEU A 225 -14.36 4.31 5.64
CA LEU A 225 -13.10 3.88 5.00
C LEU A 225 -12.96 4.50 3.62
N ALA A 226 -14.08 4.66 2.92
CA ALA A 226 -14.04 5.35 1.61
C ALA A 226 -13.62 6.80 1.77
N GLN A 227 -14.12 7.47 2.82
CA GLN A 227 -13.66 8.82 3.11
C GLN A 227 -12.18 8.83 3.47
N ASP A 228 -11.74 7.84 4.26
CA ASP A 228 -10.32 7.79 4.64
C ASP A 228 -9.45 7.60 3.40
N GLU A 229 -9.88 6.75 2.47
CA GLU A 229 -9.02 6.39 1.34
C GLU A 229 -9.26 7.27 0.13
N LYS A 230 -10.34 8.05 0.13
CA LYS A 230 -10.86 8.74 -1.07
C LYS A 230 -11.03 7.78 -2.24
N GLN A 231 -11.70 6.66 -1.97
CA GLN A 231 -11.73 5.56 -2.91
C GLN A 231 -13.19 5.12 -3.05
N ASN A 232 -13.77 5.28 -4.24
CA ASN A 232 -15.19 5.07 -4.41
C ASN A 232 -15.53 3.59 -4.66
N VAL A 233 -14.58 2.67 -4.43
CA VAL A 233 -14.78 1.22 -4.56
C VAL A 233 -14.18 0.55 -3.31
N ARG A 234 -14.88 -0.43 -2.72
CA ARG A 234 -14.34 -1.20 -1.61
C ARG A 234 -13.54 -2.36 -2.20
N TYR A 235 -12.24 -2.42 -1.93
CA TYR A 235 -11.45 -3.55 -2.43
C TYR A 235 -11.20 -4.58 -1.33
N TYR A 236 -11.90 -4.46 -0.22
CA TYR A 236 -11.87 -5.47 0.82
C TYR A 236 -13.18 -5.31 1.60
N SER A 237 -13.53 -6.31 2.40
CA SER A 237 -14.83 -6.37 3.06
C SER A 237 -14.65 -6.73 4.54
N LEU A 238 -14.96 -5.78 5.44
CA LEU A 238 -14.96 -6.12 6.88
C LEU A 238 -16.12 -7.08 7.25
N SER A 239 -17.24 -7.07 6.50
CA SER A 239 -18.27 -8.10 6.76
C SER A 239 -17.72 -9.50 6.55
N SER A 240 -16.91 -9.69 5.51
CA SER A 240 -16.36 -11.03 5.30
C SER A 240 -15.43 -11.41 6.42
N ALA A 241 -14.69 -10.45 6.96
CA ALA A 241 -13.83 -10.77 8.11
C ALA A 241 -14.68 -11.06 9.34
N ILE A 242 -15.67 -10.21 9.60
CA ILE A 242 -16.52 -10.36 10.81
C ILE A 242 -17.23 -11.72 10.74
N MET A 243 -17.45 -12.24 9.54
CA MET A 243 -18.23 -13.49 9.40
C MET A 243 -17.39 -14.68 9.88
N GLN A 244 -16.08 -14.60 9.73
CA GLN A 244 -15.20 -15.69 10.19
C GLN A 244 -15.07 -15.68 11.71
N ASP A 245 -15.40 -14.58 12.38
CA ASP A 245 -15.21 -14.45 13.84
C ASP A 245 -16.52 -13.97 14.44
N ARG A 246 -17.62 -14.41 13.86
CA ARG A 246 -18.93 -13.86 14.28
C ARG A 246 -19.12 -13.84 15.79
N LYS A 247 -18.89 -14.97 16.43
CA LYS A 247 -19.08 -15.07 17.87
C LYS A 247 -18.21 -14.07 18.63
N ASN A 248 -16.90 -14.02 18.33
CA ASN A 248 -16.06 -12.97 18.93
C ASN A 248 -16.53 -11.56 18.62
N TYR A 249 -17.08 -11.33 17.41
CA TYR A 249 -17.58 -10.00 17.08
C TYR A 249 -18.56 -9.51 18.12
N TYR A 250 -19.58 -10.31 18.40
CA TYR A 250 -20.58 -9.88 19.37
C TYR A 250 -19.97 -9.77 20.76
N THR A 251 -19.09 -10.71 21.10
CA THR A 251 -18.39 -10.67 22.38
C THR A 251 -17.59 -9.38 22.53
N GLN A 252 -16.83 -9.00 21.47
CA GLN A 252 -15.95 -7.84 21.49
C GLN A 252 -16.73 -6.53 21.52
N LEU A 253 -17.89 -6.51 20.82
CA LEU A 253 -18.84 -5.41 20.97
C LEU A 253 -19.18 -5.22 22.44
N GLY A 254 -19.23 -6.34 23.18
CA GLY A 254 -19.43 -6.40 24.62
C GLY A 254 -20.68 -5.70 25.08
N LYS A 255 -21.66 -5.59 24.18
CA LYS A 255 -22.90 -4.86 24.48
C LYS A 255 -23.27 -5.16 25.93
N SER A 256 -23.42 -6.43 26.29
CA SER A 256 -23.68 -6.76 27.72
C SER A 256 -22.39 -6.63 28.54
N CYS A 257 -22.34 -5.70 29.51
CA CYS A 257 -21.19 -5.58 30.44
C CYS A 257 -19.98 -4.86 29.86
N ARG A 258 -20.16 -4.12 28.77
CA ARG A 258 -19.05 -3.29 28.25
C ARG A 258 -18.70 -2.37 29.41
N GLY A 259 -19.70 -1.70 29.95
CA GLY A 259 -19.56 -0.89 31.18
C GLY A 259 -18.86 0.45 31.10
N ASN A 260 -17.55 0.49 30.83
CA ASN A 260 -16.83 1.80 30.91
C ASN A 260 -16.69 2.44 29.53
N MET A 261 -16.22 3.67 29.52
CA MET A 261 -16.03 4.38 28.23
C MET A 261 -14.65 4.02 27.66
N ASP A 262 -13.92 3.10 28.29
CA ASP A 262 -12.62 2.69 27.74
C ASP A 262 -12.82 1.68 26.62
N ILE A 263 -12.58 2.09 25.37
CA ILE A 263 -12.84 1.18 24.25
C ILE A 263 -11.56 0.65 23.60
N THR A 264 -10.47 0.62 24.39
CA THR A 264 -9.19 0.13 23.87
C THR A 264 -9.33 -1.27 23.26
N LEU A 265 -9.94 -2.21 23.99
CA LEU A 265 -9.98 -3.60 23.52
C LEU A 265 -10.86 -3.73 22.27
N TRP A 266 -11.95 -3.00 22.21
CA TRP A 266 -12.78 -2.99 21.01
C TRP A 266 -11.99 -2.47 19.81
N LEU A 267 -11.28 -1.37 19.98
CA LEU A 267 -10.58 -0.79 18.83
C LEU A 267 -9.44 -1.71 18.34
N ILE A 268 -8.76 -2.39 19.25
CA ILE A 268 -7.75 -3.36 18.85
C ILE A 268 -8.38 -4.53 18.10
N TRP A 269 -9.50 -5.06 18.62
CA TRP A 269 -10.20 -6.09 17.84
C TRP A 269 -10.61 -5.55 16.48
N PHE A 270 -11.17 -4.33 16.44
CA PHE A 270 -11.64 -3.79 15.16
C PHE A 270 -10.48 -3.66 14.14
N ILE A 271 -9.34 -3.18 14.61
CA ILE A 271 -8.15 -3.05 13.75
C ILE A 271 -7.65 -4.41 13.27
N ASN A 272 -7.75 -5.43 14.11
CA ASN A 272 -7.40 -6.80 13.66
C ASN A 272 -8.36 -7.30 12.57
N CYS A 273 -9.67 -7.02 12.70
CA CYS A 273 -10.67 -7.42 11.67
C CYS A 273 -10.36 -6.71 10.35
N PHE A 274 -9.98 -5.44 10.43
CA PHE A 274 -9.59 -4.66 9.23
C PHE A 274 -8.43 -5.38 8.54
N LYS A 275 -7.44 -5.78 9.31
CA LYS A 275 -6.23 -6.42 8.74
C LYS A 275 -6.59 -7.79 8.15
N THR A 276 -7.49 -8.50 8.81
CA THR A 276 -7.97 -9.81 8.26
C THR A 276 -8.63 -9.53 6.90
N ALA A 277 -9.47 -8.50 6.83
CA ALA A 277 -10.13 -8.21 5.58
C ALA A 277 -9.11 -7.89 4.49
N ILE A 278 -8.08 -7.09 4.82
CA ILE A 278 -7.00 -6.75 3.87
C ILE A 278 -6.22 -8.01 3.47
N HIS A 279 -5.87 -8.84 4.43
CA HIS A 279 -5.14 -10.08 4.09
C HIS A 279 -5.97 -11.01 3.17
N GLN A 280 -7.30 -11.05 3.36
CA GLN A 280 -8.17 -11.81 2.45
C GLN A 280 -8.17 -11.20 1.05
N ALA A 281 -8.12 -9.87 0.97
CA ALA A 281 -8.11 -9.22 -0.34
C ALA A 281 -6.77 -9.49 -1.05
N PHE A 282 -5.66 -9.57 -0.29
CA PHE A 282 -4.39 -9.96 -0.93
C PHE A 282 -4.53 -11.29 -1.64
N GLU A 283 -5.13 -12.27 -0.95
CA GLU A 283 -5.31 -13.60 -1.57
C GLU A 283 -6.21 -13.51 -2.80
N LEU A 284 -7.28 -12.73 -2.71
CA LEU A 284 -8.19 -12.56 -3.84
C LEU A 284 -7.50 -11.90 -5.04
N ILE A 285 -6.85 -10.76 -4.84
CA ILE A 285 -6.23 -10.13 -5.98
C ILE A 285 -5.13 -11.04 -6.54
N ASP A 286 -4.48 -11.83 -5.68
CA ASP A 286 -3.50 -12.75 -6.21
C ASP A 286 -4.16 -13.78 -7.12
N ASP A 287 -5.30 -14.34 -6.68
CA ASP A 287 -6.02 -15.31 -7.53
C ASP A 287 -6.49 -14.69 -8.83
N ILE A 288 -6.99 -13.45 -8.77
CA ILE A 288 -7.46 -12.78 -9.97
C ILE A 288 -6.30 -12.56 -10.94
N THR A 289 -5.15 -12.13 -10.43
CA THR A 289 -4.06 -11.85 -11.36
C THR A 289 -3.45 -13.14 -11.89
N LEU A 290 -3.45 -14.23 -11.11
CA LEU A 290 -3.01 -15.54 -11.62
C LEU A 290 -3.84 -15.95 -12.82
N LYS A 291 -5.15 -15.69 -12.75
CA LYS A 291 -6.01 -16.08 -13.86
C LYS A 291 -5.69 -15.26 -15.10
N SER A 292 -5.57 -13.92 -14.95
CA SER A 292 -5.36 -13.10 -16.15
C SER A 292 -4.00 -13.40 -16.78
N ARG A 293 -2.99 -13.65 -15.94
CA ARG A 293 -1.68 -14.10 -16.40
C ARG A 293 -1.75 -15.46 -17.13
N PHE A 294 -2.58 -16.38 -16.64
CA PHE A 294 -2.78 -17.64 -17.33
C PHE A 294 -3.32 -17.38 -18.74
N TRP A 295 -4.32 -16.50 -18.85
CA TRP A 295 -4.96 -16.31 -20.15
C TRP A 295 -4.10 -15.49 -21.09
N GLU A 296 -3.17 -14.69 -20.54
CA GLU A 296 -2.15 -14.03 -21.36
C GLU A 296 -1.21 -15.04 -22.00
N LYS A 297 -0.73 -16.02 -21.24
CA LYS A 297 0.15 -17.01 -21.83
C LYS A 297 -0.62 -17.92 -22.80
N HIS A 298 -1.88 -18.22 -22.52
CA HIS A 298 -2.60 -19.16 -23.37
C HIS A 298 -3.49 -18.46 -24.38
N ALA A 299 -3.26 -17.16 -24.61
CA ALA A 299 -4.02 -16.49 -25.65
C ALA A 299 -3.76 -17.11 -27.01
N THR A 300 -2.57 -17.68 -27.23
CA THR A 300 -2.23 -18.32 -28.49
C THR A 300 -2.48 -19.83 -28.49
N THR A 301 -2.71 -20.44 -27.32
CA THR A 301 -2.97 -21.86 -27.22
C THR A 301 -4.32 -22.21 -27.87
N GLU A 302 -4.32 -23.24 -28.71
CA GLU A 302 -5.54 -23.69 -29.36
C GLU A 302 -6.41 -24.52 -28.42
N LEU A 303 -7.64 -24.06 -28.21
CA LEU A 303 -8.57 -24.70 -27.28
C LEU A 303 -9.96 -24.56 -27.87
N ASN A 304 -10.80 -25.56 -27.62
CA ASN A 304 -12.17 -25.43 -28.08
C ASN A 304 -13.02 -24.85 -26.94
N ALA A 305 -14.28 -24.51 -27.24
CA ALA A 305 -15.14 -23.85 -26.28
C ALA A 305 -15.32 -24.68 -25.00
N ARG A 306 -15.36 -26.01 -25.12
CA ARG A 306 -15.50 -26.87 -23.93
C ARG A 306 -14.29 -26.75 -23.01
N GLN A 307 -13.09 -26.84 -23.60
CA GLN A 307 -11.85 -26.71 -22.82
C GLN A 307 -11.75 -25.34 -22.15
N ILE A 308 -12.26 -24.31 -22.81
CA ILE A 308 -12.23 -22.94 -22.26
C ILE A 308 -13.23 -22.79 -21.12
N LYS A 309 -14.42 -23.39 -21.27
CA LYS A 309 -15.41 -23.40 -20.19
C LYS A 309 -14.87 -24.09 -18.93
N VAL A 310 -14.24 -25.25 -19.08
CA VAL A 310 -13.75 -26.01 -17.93
C VAL A 310 -12.58 -25.27 -17.25
N LEU A 311 -11.65 -24.74 -18.05
CA LEU A 311 -10.50 -24.01 -17.50
C LEU A 311 -10.96 -22.77 -16.73
N ASN A 312 -11.91 -22.04 -17.29
CA ASN A 312 -12.47 -20.88 -16.59
C ASN A 312 -13.11 -21.28 -15.26
N ARG A 313 -13.84 -22.39 -15.22
CA ARG A 313 -14.42 -22.85 -13.96
C ARG A 313 -13.34 -23.22 -12.94
N LEU A 314 -12.28 -23.87 -13.39
CA LEU A 314 -11.19 -24.27 -12.45
C LEU A 314 -10.37 -23.04 -12.03
N LEU A 315 -10.12 -22.11 -12.94
CA LEU A 315 -9.29 -20.92 -12.65
C LEU A 315 -10.03 -20.06 -11.62
N ASP A 316 -11.36 -20.07 -11.67
CA ASP A 316 -12.19 -19.24 -10.76
C ASP A 316 -12.12 -19.79 -9.34
N ALA A 317 -11.53 -20.95 -9.16
CA ALA A 317 -11.35 -21.49 -7.79
C ALA A 317 -10.01 -21.01 -7.23
N GLY A 318 -9.21 -20.35 -8.06
CA GLY A 318 -7.94 -19.81 -7.56
C GLY A 318 -6.92 -20.91 -7.21
N LYS A 319 -5.91 -20.48 -6.46
CA LYS A 319 -4.79 -21.36 -6.12
C LYS A 319 -5.26 -22.59 -5.37
N LYS A 320 -6.26 -22.42 -4.49
CA LYS A 320 -6.76 -23.53 -3.69
C LYS A 320 -7.34 -24.64 -4.54
N GLY A 321 -7.89 -24.32 -5.70
CA GLY A 321 -8.36 -25.35 -6.61
C GLY A 321 -9.67 -26.01 -6.15
N PHE A 322 -10.07 -27.03 -6.92
CA PHE A 322 -11.19 -27.89 -6.54
C PHE A 322 -10.73 -28.86 -5.46
N ILE A 323 -11.59 -29.13 -4.48
CA ILE A 323 -11.28 -30.21 -3.54
C ILE A 323 -11.24 -31.50 -4.35
N GLY A 324 -10.13 -32.22 -4.27
CA GLY A 324 -9.96 -33.40 -5.09
C GLY A 324 -9.54 -33.09 -6.51
N GLY A 325 -9.37 -31.82 -6.88
CA GLY A 325 -8.93 -31.49 -8.21
C GLY A 325 -9.98 -31.77 -9.27
N MET A 326 -9.60 -31.52 -10.52
CA MET A 326 -10.44 -31.79 -11.69
C MET A 326 -10.33 -33.26 -12.08
N THR A 327 -11.47 -33.90 -12.30
CA THR A 327 -11.52 -35.31 -12.63
C THR A 327 -12.27 -35.49 -13.94
N THR A 328 -12.20 -36.70 -14.47
CA THR A 328 -12.97 -37.01 -15.69
C THR A 328 -14.44 -36.78 -15.46
N ARG A 329 -14.98 -37.33 -14.36
CA ARG A 329 -16.39 -37.20 -14.10
C ARG A 329 -16.79 -35.74 -13.96
N LYS A 330 -15.98 -34.93 -13.26
CA LYS A 330 -16.26 -33.49 -13.16
C LYS A 330 -16.22 -32.83 -14.54
N TYR A 331 -15.30 -33.25 -15.39
CA TYR A 331 -15.27 -32.70 -16.73
C TYR A 331 -16.59 -32.99 -17.47
N THR A 332 -17.10 -34.22 -17.32
CA THR A 332 -18.37 -34.51 -17.99
C THR A 332 -19.57 -33.88 -17.29
N GLN A 333 -19.47 -33.52 -16.02
CA GLN A 333 -20.63 -32.84 -15.43
C GLN A 333 -20.72 -31.40 -15.91
N LEU A 334 -19.58 -30.79 -16.24
CA LEU A 334 -19.60 -29.37 -16.65
C LEU A 334 -19.84 -29.27 -18.16
N THR A 335 -19.58 -30.32 -18.93
CA THR A 335 -19.63 -30.19 -20.40
C THR A 335 -20.72 -31.06 -21.06
N LYS A 336 -21.25 -32.06 -20.36
CA LYS A 336 -22.23 -32.99 -20.99
C LYS A 336 -21.57 -33.77 -22.14
N THR A 337 -20.30 -34.14 -21.99
CA THR A 337 -19.64 -34.95 -23.04
C THR A 337 -19.48 -36.39 -22.55
N SER A 338 -19.10 -37.30 -23.46
CA SER A 338 -18.85 -38.68 -23.11
C SER A 338 -17.54 -38.76 -22.35
N ARG A 339 -17.32 -39.88 -21.66
CA ARG A 339 -16.06 -40.06 -20.97
C ARG A 339 -14.90 -40.06 -21.95
N THR A 340 -15.06 -40.67 -23.14
CA THR A 340 -13.87 -40.72 -24.00
C THR A 340 -13.50 -39.34 -24.55
N THR A 341 -14.48 -38.49 -24.85
CA THR A 341 -14.13 -37.13 -25.23
C THR A 341 -13.41 -36.42 -24.09
N ALA A 342 -13.85 -36.65 -22.85
CA ALA A 342 -13.20 -36.03 -21.70
C ALA A 342 -11.76 -36.54 -21.55
N TYR A 343 -11.51 -37.83 -21.77
CA TYR A 343 -10.13 -38.32 -21.64
C TYR A 343 -9.25 -37.62 -22.66
N ARG A 344 -9.75 -37.43 -23.87
CA ARG A 344 -8.90 -36.84 -24.93
C ARG A 344 -8.66 -35.35 -24.64
N GLU A 345 -9.70 -34.64 -24.21
CA GLU A 345 -9.59 -33.18 -23.98
C GLU A 345 -8.74 -32.91 -22.74
N LEU A 346 -8.89 -33.70 -21.69
CA LEU A 346 -8.02 -33.54 -20.49
C LEU A 346 -6.58 -33.85 -20.89
N HIS A 347 -6.35 -34.93 -21.63
CA HIS A 347 -4.99 -35.17 -22.10
C HIS A 347 -4.48 -34.00 -22.93
N ASP A 348 -5.33 -33.48 -23.80
CA ASP A 348 -4.93 -32.36 -24.64
C ASP A 348 -4.52 -31.13 -23.79
N LEU A 349 -5.25 -30.87 -22.72
CA LEU A 349 -4.96 -29.77 -21.80
C LEU A 349 -3.68 -29.99 -21.02
N VAL A 350 -3.34 -31.24 -20.66
CA VAL A 350 -2.03 -31.50 -20.08
C VAL A 350 -0.94 -31.25 -21.12
N LEU A 351 -1.14 -31.78 -22.35
CA LEU A 351 -0.12 -31.64 -23.39
C LEU A 351 0.18 -30.18 -23.67
N LYS A 352 -0.86 -29.35 -23.71
CA LYS A 352 -0.75 -27.92 -23.97
C LYS A 352 -0.37 -27.12 -22.73
N LYS A 353 -0.01 -27.79 -21.63
CA LYS A 353 0.56 -27.19 -20.43
C LYS A 353 -0.44 -26.36 -19.65
N CYS A 354 -1.74 -26.56 -19.88
CA CYS A 354 -2.79 -25.85 -19.13
C CYS A 354 -3.06 -26.49 -17.78
N LEU A 355 -3.00 -27.81 -17.72
CA LEU A 355 -3.28 -28.59 -16.52
C LEU A 355 -2.05 -29.39 -16.22
N LYS A 356 -1.98 -29.88 -14.99
CA LYS A 356 -0.88 -30.77 -14.59
C LYS A 356 -1.43 -31.83 -13.64
N PRO A 357 -0.86 -33.04 -13.61
CA PRO A 357 -1.30 -34.08 -12.70
C PRO A 357 -1.26 -33.62 -11.24
N LEU A 358 -2.39 -33.63 -10.56
CA LEU A 358 -2.47 -33.15 -9.15
C LEU A 358 -2.02 -34.27 -8.22
N THR A 359 -1.84 -35.47 -8.76
CA THR A 359 -1.32 -36.57 -7.93
C THR A 359 -0.13 -37.21 -8.65
N LYS A 360 0.67 -38.01 -7.93
CA LYS A 360 1.78 -38.73 -8.59
C LYS A 360 1.32 -40.12 -9.00
N LYS A 361 0.13 -40.53 -8.56
CA LYS A 361 -0.35 -41.92 -8.85
C LYS A 361 -1.45 -41.86 -9.92
N GLY A 362 -1.45 -42.83 -10.85
CA GLY A 362 -2.46 -42.84 -11.93
C GLY A 362 -3.64 -43.74 -11.64
N ARG A 363 -3.65 -44.46 -10.52
CA ARG A 363 -4.82 -45.30 -10.14
C ARG A 363 -5.98 -44.31 -10.07
N SER A 364 -5.87 -43.34 -9.19
CA SER A 364 -6.86 -42.26 -9.18
C SER A 364 -6.14 -41.10 -9.88
N ALA A 365 -6.81 -40.43 -10.79
CA ALA A 365 -6.18 -39.36 -11.55
C ALA A 365 -6.99 -38.10 -11.31
N ALA A 366 -6.29 -36.99 -11.09
CA ALA A 366 -6.95 -35.71 -10.92
C ALA A 366 -5.97 -34.63 -11.37
N TYR A 367 -6.50 -33.47 -11.75
CA TYR A 367 -5.72 -32.42 -12.38
C TYR A 367 -5.94 -31.06 -11.73
N GLU A 368 -4.93 -30.19 -11.82
CA GLU A 368 -5.05 -28.84 -11.31
C GLU A 368 -4.45 -27.92 -12.36
N ILE A 369 -4.68 -26.62 -12.19
CA ILE A 369 -4.18 -25.65 -13.19
C ILE A 369 -2.64 -25.60 -13.15
N ARG A 370 -2.01 -25.56 -14.32
CA ARG A 370 -0.55 -25.35 -14.35
C ARG A 370 -0.38 -23.83 -14.31
N TRP A 371 -0.07 -23.29 -13.14
CA TRP A 371 -0.05 -21.81 -12.99
C TRP A 371 1.13 -21.16 -13.70
N VAL A 372 0.91 -19.96 -14.20
CA VAL A 372 1.96 -19.19 -14.88
C VAL A 372 2.49 -18.12 -13.93
N ASN A 373 3.75 -18.24 -13.52
CA ASN A 373 4.24 -17.25 -12.58
C ASN A 373 4.88 -16.08 -13.35
N LYS A 374 5.17 -15.02 -12.62
CA LYS A 374 5.68 -13.78 -13.23
C LYS A 374 6.85 -13.99 -14.17
N SER B 4 28.20 19.90 30.56
CA SER B 4 26.76 19.67 30.45
C SER B 4 26.17 20.30 29.17
N HIS B 5 27.05 20.67 28.22
CA HIS B 5 26.59 21.32 27.00
C HIS B 5 26.10 20.33 25.94
N TRP B 6 26.73 19.16 25.82
CA TRP B 6 26.43 18.25 24.72
C TRP B 6 25.55 17.11 25.21
N ILE B 7 24.75 16.56 24.31
CA ILE B 7 23.81 15.51 24.67
C ILE B 7 24.54 14.30 25.29
N TRP B 8 25.72 13.92 24.77
CA TRP B 8 26.41 12.74 25.31
C TRP B 8 27.04 12.98 26.68
N GLN B 9 26.99 14.19 27.23
CA GLN B 9 27.37 14.43 28.62
C GLN B 9 26.17 14.28 29.54
N HIS B 10 24.96 14.14 28.97
CA HIS B 10 23.77 14.14 29.78
C HIS B 10 23.77 12.96 30.75
N LYS B 11 23.24 13.16 31.93
CA LYS B 11 23.20 12.08 32.90
C LYS B 11 22.41 10.87 32.43
N ASP B 12 21.44 11.02 31.51
CA ASP B 12 20.63 9.89 31.04
C ASP B 12 21.11 9.37 29.69
N TRP B 13 22.22 9.89 29.17
CA TRP B 13 22.76 9.39 27.90
C TRP B 13 23.07 7.90 28.02
N PRO B 14 22.80 7.08 27.01
CA PRO B 14 22.21 7.30 25.69
C PRO B 14 20.75 6.84 25.66
N HIS B 15 19.99 7.11 26.72
CA HIS B 15 18.60 6.60 26.81
C HIS B 15 17.61 7.57 26.15
N PHE B 16 17.58 7.52 24.82
CA PHE B 16 16.69 8.41 24.08
C PHE B 16 15.23 8.06 24.37
N PHE B 17 14.37 9.08 24.38
CA PHE B 17 12.92 8.90 24.53
C PHE B 17 12.24 9.97 23.68
N TRP B 18 10.94 9.78 23.45
CA TRP B 18 10.17 10.66 22.58
C TRP B 18 8.69 10.66 23.01
N ASP B 19 7.96 11.61 22.47
CA ASP B 19 6.53 11.74 22.78
C ASP B 19 5.77 10.72 21.92
N GLU B 20 5.43 9.58 22.53
CA GLU B 20 4.83 8.45 21.81
C GLU B 20 3.46 8.80 21.23
N LYS B 21 2.63 9.52 21.99
CA LYS B 21 1.31 9.90 21.49
C LYS B 21 1.43 10.82 20.28
N LEU B 22 2.38 11.74 20.28
CA LEU B 22 2.58 12.67 19.14
C LEU B 22 3.14 11.94 17.91
N LEU B 23 4.12 11.06 18.11
CA LEU B 23 4.71 10.36 16.98
C LEU B 23 3.74 9.38 16.28
N SER B 24 2.72 8.91 16.99
CA SER B 24 1.80 7.92 16.47
C SER B 24 1.23 8.30 15.10
N SER B 25 0.66 9.51 14.96
CA SER B 25 0.08 9.83 13.65
C SER B 25 1.17 10.03 12.57
N HIS B 26 2.42 10.51 12.91
CA HIS B 26 3.49 10.60 11.90
C HIS B 26 3.87 9.23 11.40
N LEU B 27 3.99 8.26 12.32
CA LEU B 27 4.39 6.90 11.93
C LEU B 27 3.31 6.24 11.10
N SER B 28 2.06 6.33 11.53
CA SER B 28 1.04 5.62 10.74
C SER B 28 0.91 6.26 9.33
N SER B 29 1.01 7.58 9.21
CA SER B 29 0.97 8.16 7.87
C SER B 29 2.21 7.79 7.05
N ALA B 30 3.37 7.61 7.69
CA ALA B 30 4.55 7.13 6.97
C ALA B 30 4.36 5.67 6.51
N ARG B 31 3.80 4.81 7.38
CA ARG B 31 3.52 3.43 7.00
C ARG B 31 2.54 3.35 5.84
N LEU B 32 1.55 4.22 5.80
CA LEU B 32 0.60 4.18 4.71
C LEU B 32 1.29 4.42 3.36
N VAL B 33 2.14 5.45 3.25
CA VAL B 33 2.78 5.68 1.93
C VAL B 33 3.84 4.64 1.63
N GLN B 34 4.55 4.18 2.66
CA GLN B 34 5.52 3.11 2.46
C GLN B 34 4.85 1.88 1.91
N GLY B 35 3.71 1.48 2.52
CA GLY B 35 2.92 0.36 1.99
C GLY B 35 2.50 0.57 0.54
N LYS B 36 2.07 1.80 0.22
CA LYS B 36 1.65 2.03 -1.16
C LYS B 36 2.80 1.75 -2.14
N LEU B 37 3.97 2.32 -1.87
CA LEU B 37 5.14 2.07 -2.70
C LEU B 37 5.46 0.59 -2.76
N LEU B 38 5.44 -0.10 -1.63
CA LEU B 38 5.75 -1.52 -1.67
C LEU B 38 4.72 -2.29 -2.50
N GLY B 39 3.47 -1.86 -2.46
CA GLY B 39 2.43 -2.53 -3.24
C GLY B 39 2.64 -2.31 -4.74
N ILE B 40 3.04 -1.10 -5.10
CA ILE B 40 3.41 -0.81 -6.51
C ILE B 40 4.57 -1.69 -6.97
N ILE B 41 5.62 -1.76 -6.19
CA ILE B 41 6.83 -2.49 -6.59
C ILE B 41 6.52 -3.96 -6.78
N HIS B 42 5.65 -4.52 -5.90
CA HIS B 42 5.23 -5.90 -5.97
C HIS B 42 4.46 -6.17 -7.26
N THR B 43 3.80 -5.15 -7.84
CA THR B 43 2.87 -5.42 -8.94
C THR B 43 3.49 -5.16 -10.31
N ILE B 44 4.47 -4.22 -10.41
CA ILE B 44 5.13 -3.93 -11.69
C ILE B 44 5.96 -5.15 -12.10
N ASN B 45 6.30 -5.21 -13.39
CA ASN B 45 7.04 -6.40 -13.82
C ASN B 45 8.54 -6.25 -13.49
N GLN B 46 9.29 -7.35 -13.63
CA GLN B 46 10.66 -7.36 -13.17
C GLN B 46 11.53 -6.40 -13.97
N GLN B 47 11.22 -6.20 -15.25
CA GLN B 47 11.99 -5.27 -16.06
C GLN B 47 11.82 -3.84 -15.54
N THR B 48 10.59 -3.46 -15.20
CA THR B 48 10.36 -2.12 -14.69
C THR B 48 11.02 -1.95 -13.32
N ALA B 49 10.93 -2.97 -12.45
CA ALA B 49 11.58 -2.88 -11.13
C ALA B 49 13.11 -2.77 -11.26
N ARG B 50 13.69 -3.48 -12.21
CA ARG B 50 15.14 -3.41 -12.37
C ARG B 50 15.55 -2.02 -12.86
N GLN B 51 14.78 -1.42 -13.78
CA GLN B 51 15.07 -0.04 -14.17
C GLN B 51 14.94 0.90 -12.98
N MET B 52 13.85 0.77 -12.23
CA MET B 52 13.71 1.57 -11.02
C MET B 52 14.93 1.43 -10.09
N ASN B 53 15.30 0.20 -9.80
CA ASN B 53 16.46 -0.12 -8.98
C ASN B 53 17.72 0.60 -9.54
N ALA B 54 17.93 0.56 -10.84
CA ALA B 54 19.10 1.24 -11.45
C ALA B 54 19.06 2.76 -11.21
N PHE B 55 17.87 3.37 -11.38
CA PHE B 55 17.77 4.82 -11.18
C PHE B 55 18.05 5.17 -9.71
N VAL B 56 17.43 4.43 -8.79
CA VAL B 56 17.52 4.82 -7.39
C VAL B 56 18.95 4.62 -6.89
N LEU B 57 19.60 3.54 -7.31
CA LEU B 57 20.94 3.28 -6.84
C LEU B 57 21.90 4.38 -7.31
N ALA B 58 21.72 4.89 -8.54
CA ALA B 58 22.58 5.97 -9.02
C ALA B 58 22.33 7.22 -8.17
N ASP B 59 21.07 7.53 -7.86
CA ASP B 59 20.76 8.67 -6.98
C ASP B 59 21.34 8.48 -5.58
N GLN B 60 21.19 7.28 -5.02
CA GLN B 60 21.77 6.99 -3.72
C GLN B 60 23.28 7.31 -3.68
N ALA B 61 24.04 6.73 -4.60
CA ALA B 61 25.50 6.96 -4.64
C ALA B 61 25.83 8.43 -4.83
N VAL B 62 25.20 9.05 -5.83
CA VAL B 62 25.52 10.44 -6.13
C VAL B 62 25.15 11.34 -4.96
N ASP B 63 23.92 11.16 -4.38
CA ASP B 63 23.44 12.08 -3.39
C ASP B 63 24.12 11.86 -2.04
N THR B 64 24.40 10.63 -1.65
CA THR B 64 25.08 10.48 -0.37
C THR B 64 26.50 11.06 -0.43
N SER B 65 27.10 11.06 -1.64
CA SER B 65 28.40 11.72 -1.83
C SER B 65 28.25 13.24 -1.85
N ALA B 66 27.24 13.74 -2.58
CA ALA B 66 27.04 15.20 -2.70
C ALA B 66 26.75 15.85 -1.34
N ILE B 67 26.09 15.13 -0.45
CA ILE B 67 25.87 15.64 0.90
C ILE B 67 27.19 16.08 1.53
N GLU B 68 28.26 15.35 1.23
CA GLU B 68 29.58 15.64 1.76
C GLU B 68 30.39 16.53 0.81
N GLY B 69 29.76 17.09 -0.24
CA GLY B 69 30.59 17.95 -1.13
C GLY B 69 31.40 17.22 -2.17
N GLU B 70 31.19 15.91 -2.37
CA GLU B 70 31.96 15.08 -3.32
C GLU B 70 31.04 14.78 -4.52
N HIS B 71 31.47 15.16 -5.73
CA HIS B 71 30.62 15.14 -6.93
C HIS B 71 31.10 14.07 -7.89
N LEU B 72 30.36 12.98 -7.97
CA LEU B 72 30.78 11.80 -8.72
C LEU B 72 30.54 12.00 -10.23
N ASN B 73 31.36 11.34 -11.02
CA ASN B 73 31.07 11.18 -12.45
C ASN B 73 29.80 10.28 -12.59
N ARG B 74 28.71 10.88 -13.02
CA ARG B 74 27.46 10.09 -13.10
C ARG B 74 27.53 9.00 -14.19
N ASP B 75 28.24 9.25 -15.29
CA ASP B 75 28.47 8.24 -16.31
C ASP B 75 29.20 7.02 -15.76
N SER B 76 30.20 7.24 -14.92
CA SER B 76 30.90 6.11 -14.27
C SER B 76 30.01 5.34 -13.33
N VAL B 77 29.20 6.07 -12.55
CA VAL B 77 28.22 5.45 -11.66
C VAL B 77 27.23 4.60 -12.45
N ARG B 78 26.64 5.18 -13.51
CA ARG B 78 25.62 4.45 -14.27
C ARG B 78 26.22 3.20 -14.92
N SER B 79 27.43 3.33 -15.43
CA SER B 79 28.10 2.22 -16.12
C SER B 79 28.39 1.10 -15.12
N SER B 80 28.81 1.46 -13.92
CA SER B 80 29.07 0.42 -12.94
C SER B 80 27.79 -0.25 -12.48
N ILE B 81 26.71 0.51 -12.26
CA ILE B 81 25.46 -0.09 -11.87
C ILE B 81 24.93 -1.00 -12.99
N ALA B 82 25.08 -0.60 -14.25
CA ALA B 82 24.57 -1.41 -15.37
C ALA B 82 25.29 -2.75 -15.43
N ASN B 83 26.60 -2.74 -15.21
CA ASN B 83 27.33 -4.00 -15.10
C ASN B 83 26.85 -4.83 -13.92
N ARG B 84 26.64 -4.22 -12.76
CA ARG B 84 26.22 -4.95 -11.57
C ARG B 84 24.83 -5.62 -11.71
N LEU B 85 23.88 -4.91 -12.33
CA LEU B 85 22.52 -5.38 -12.51
C LEU B 85 22.32 -6.16 -13.80
N GLY B 86 23.32 -6.23 -14.67
CA GLY B 86 23.16 -6.95 -15.91
C GLY B 86 22.45 -6.20 -17.01
N LEU B 87 22.48 -4.88 -16.99
CA LEU B 87 21.86 -4.07 -18.03
C LEU B 87 22.85 -3.84 -19.18
N LYS B 88 22.35 -3.38 -20.33
CA LYS B 88 23.19 -3.18 -21.52
C LYS B 88 24.24 -2.09 -21.26
N GLN B 89 25.06 -1.85 -22.29
CA GLN B 89 26.17 -0.85 -22.19
C GLN B 89 27.42 -1.59 -21.72
N LYS B 94 35.58 1.21 -19.79
CA LYS B 94 36.26 2.23 -18.99
C LYS B 94 37.07 1.66 -17.81
N PRO B 95 38.03 2.44 -17.29
CA PRO B 95 38.74 2.05 -16.07
C PRO B 95 37.80 1.90 -14.88
N VAL B 96 38.19 1.05 -13.94
CA VAL B 96 37.40 0.85 -12.74
C VAL B 96 37.64 2.04 -11.83
N ASP B 97 36.59 2.66 -11.32
CA ASP B 97 36.75 3.75 -10.36
C ASP B 97 36.65 3.16 -8.96
N ARG B 98 37.81 3.05 -8.29
CA ARG B 98 37.87 2.40 -6.99
C ARG B 98 36.93 3.07 -5.99
N TYR B 99 36.81 4.40 -6.00
CA TYR B 99 35.90 4.99 -4.96
C TYR B 99 34.42 4.65 -5.26
N ILE B 100 34.04 4.69 -6.53
CA ILE B 100 32.66 4.39 -6.87
C ILE B 100 32.36 2.93 -6.57
N GLU B 101 33.29 2.02 -6.89
CA GLU B 101 33.03 0.60 -6.62
C GLU B 101 32.88 0.36 -5.12
N GLY B 102 33.73 1.00 -4.33
CA GLY B 102 33.66 0.82 -2.90
C GLY B 102 32.37 1.41 -2.33
N LEU B 103 32.00 2.59 -2.81
CA LEU B 103 30.72 3.14 -2.37
C LEU B 103 29.55 2.22 -2.72
N LEU B 104 29.54 1.75 -3.97
CA LEU B 104 28.45 0.84 -4.38
C LEU B 104 28.48 -0.45 -3.56
N ASP B 105 29.66 -1.00 -3.31
CA ASP B 105 29.73 -2.24 -2.53
C ASP B 105 29.21 -2.04 -1.11
N MET B 106 29.49 -0.89 -0.49
CA MET B 106 28.94 -0.63 0.83
C MET B 106 27.41 -0.55 0.77
N LEU B 107 26.89 0.27 -0.16
CA LEU B 107 25.45 0.45 -0.26
C LEU B 107 24.76 -0.88 -0.53
N LEU B 108 25.37 -1.74 -1.37
CA LEU B 108 24.75 -3.04 -1.68
C LEU B 108 24.87 -4.03 -0.50
N ASP B 109 26.00 -4.00 0.20
CA ASP B 109 26.06 -4.84 1.40
C ASP B 109 24.95 -4.46 2.39
N ALA B 110 24.68 -3.17 2.54
CA ALA B 110 23.71 -2.74 3.55
C ALA B 110 22.28 -3.19 3.21
N THR B 111 21.88 -3.15 1.93
CA THR B 111 20.51 -3.58 1.66
C THR B 111 20.39 -5.07 1.30
N GLU B 112 21.43 -5.73 0.76
CA GLU B 112 21.27 -7.13 0.34
C GLU B 112 21.46 -8.11 1.48
N ASN B 113 22.40 -7.81 2.39
CA ASN B 113 22.68 -8.68 3.52
C ASN B 113 21.99 -8.16 4.76
N TYR B 114 20.68 -7.99 4.65
CA TYR B 114 19.98 -7.41 5.77
C TYR B 114 19.73 -8.39 6.89
N GLU B 115 19.80 -9.70 6.64
CA GLU B 115 19.61 -10.64 7.75
C GLU B 115 20.84 -10.70 8.66
N GLN B 116 21.96 -10.23 8.23
CA GLN B 116 23.18 -10.21 9.03
C GLN B 116 23.18 -9.03 10.01
N PRO B 117 23.74 -9.23 11.21
CA PRO B 117 23.86 -8.12 12.19
C PRO B 117 24.87 -7.06 11.79
N LEU B 118 24.71 -5.90 12.40
CA LEU B 118 25.68 -4.81 12.21
C LEU B 118 26.74 -5.02 13.27
N THR B 119 28.00 -5.18 12.85
CA THR B 119 29.11 -5.44 13.75
C THR B 119 30.24 -4.45 13.47
N LEU B 120 31.17 -4.35 14.42
CA LEU B 120 32.34 -3.50 14.20
C LEU B 120 33.07 -3.93 12.92
N GLU B 121 33.27 -5.23 12.73
CA GLU B 121 33.99 -5.73 11.56
C GLU B 121 33.29 -5.32 10.29
N ARG B 122 31.96 -5.35 10.29
CA ARG B 122 31.24 -4.96 9.08
C ARG B 122 31.39 -3.46 8.81
N LEU B 123 31.28 -2.63 9.86
CA LEU B 123 31.54 -1.18 9.68
C LEU B 123 32.99 -0.95 9.21
N TYR B 124 33.94 -1.72 9.74
CA TYR B 124 35.33 -1.48 9.30
C TYR B 124 35.49 -1.74 7.81
N GLY B 125 34.76 -2.75 7.30
CA GLY B 125 34.77 -3.06 5.87
C GLY B 125 34.14 -1.96 5.05
N TRP B 126 32.99 -1.40 5.51
CA TRP B 126 32.42 -0.25 4.82
C TRP B 126 33.40 0.92 4.79
N HIS B 127 34.12 1.15 5.89
CA HIS B 127 35.04 2.28 5.96
C HIS B 127 36.22 2.06 5.02
N ALA B 128 36.72 0.83 4.96
CA ALA B 128 37.81 0.55 4.01
C ALA B 128 37.32 0.73 2.57
N ALA B 129 36.04 0.42 2.30
CA ALA B 129 35.48 0.59 0.94
C ALA B 129 35.47 2.06 0.54
N LEU B 130 35.16 2.97 1.49
CA LEU B 130 35.14 4.41 1.22
C LEU B 130 36.51 5.06 1.14
N PHE B 131 37.52 4.56 1.88
CA PHE B 131 38.84 5.19 1.93
C PHE B 131 39.97 4.27 1.47
N PRO B 132 40.15 4.08 0.16
CA PRO B 132 41.22 3.18 -0.27
C PRO B 132 42.63 3.65 0.09
N THR B 133 42.93 4.94 -0.06
CA THR B 133 44.31 5.38 0.10
C THR B 133 44.72 5.64 1.55
N GLY B 134 43.77 5.71 2.49
CA GLY B 134 44.15 6.10 3.82
C GLY B 134 44.11 7.59 4.07
N TYR B 135 43.61 8.37 3.11
CA TYR B 135 43.55 9.82 3.18
C TYR B 135 42.12 10.28 2.95
N SER B 136 41.80 11.37 3.61
CA SER B 136 40.62 12.18 3.37
C SER B 136 41.15 13.54 2.89
N GLY B 137 41.09 13.76 1.58
CA GLY B 137 41.76 14.93 1.02
C GLY B 137 43.24 14.86 1.33
N ILE B 138 43.76 15.96 1.92
CA ILE B 138 45.17 16.08 2.31
C ILE B 138 45.50 15.32 3.59
N HIS B 139 44.50 15.00 4.40
CA HIS B 139 44.74 14.50 5.75
C HIS B 139 44.83 12.99 5.79
N LYS B 140 45.89 12.49 6.40
CA LYS B 140 45.96 11.06 6.70
C LYS B 140 44.99 10.74 7.84
N ILE B 141 44.21 9.67 7.68
CA ILE B 141 43.27 9.25 8.70
C ILE B 141 43.46 7.78 9.05
N THR B 142 42.90 7.40 10.16
CA THR B 142 42.79 6.01 10.54
C THR B 142 41.65 5.38 9.72
N VAL B 143 41.92 4.27 9.04
CA VAL B 143 40.94 3.60 8.18
C VAL B 143 40.61 2.25 8.80
N ALA B 144 39.33 1.85 8.76
CA ALA B 144 38.92 0.51 9.20
C ALA B 144 39.19 0.30 10.70
N ALA B 145 39.14 1.36 11.50
CA ALA B 145 39.29 1.30 12.94
C ALA B 145 38.65 2.57 13.47
N LEU B 146 38.25 2.51 14.73
CA LEU B 146 37.61 3.67 15.36
C LEU B 146 38.64 4.76 15.59
N ARG B 147 38.20 6.01 15.62
CA ARG B 147 39.16 7.10 15.79
C ARG B 147 39.85 7.02 17.14
N LYS B 148 41.08 7.50 17.19
CA LYS B 148 41.94 7.53 18.38
C LYS B 148 42.15 8.93 18.90
N THR B 149 41.60 9.91 18.20
CA THR B 149 41.74 11.32 18.60
C THR B 149 40.39 11.99 18.40
N ASP B 150 40.35 13.31 18.56
CA ASP B 150 39.08 14.05 18.34
C ASP B 150 38.79 14.08 16.83
N PRO B 151 37.52 14.01 16.40
CA PRO B 151 37.17 13.91 14.98
C PRO B 151 37.92 14.90 14.07
N HIS B 165 30.02 23.24 14.01
CA HIS B 165 30.65 23.21 15.33
C HIS B 165 29.90 22.25 16.27
N TYR B 166 30.56 21.13 16.56
CA TYR B 166 30.09 20.11 17.47
C TYR B 166 31.28 19.34 18.01
N GLU B 167 31.28 19.09 19.31
CA GLU B 167 32.31 18.29 19.95
C GLU B 167 31.73 16.88 20.18
N ALA B 168 32.36 15.87 19.56
CA ALA B 168 31.91 14.50 19.75
C ALA B 168 32.58 13.92 20.99
N PRO B 169 32.08 12.80 21.51
CA PRO B 169 32.64 12.29 22.77
C PRO B 169 34.13 12.03 22.61
N PRO B 170 34.90 12.11 23.70
CA PRO B 170 36.35 11.84 23.59
C PRO B 170 36.59 10.41 23.13
N SER B 171 37.73 10.23 22.46
CA SER B 171 37.96 8.96 21.79
C SER B 171 38.08 7.79 22.78
N LYS B 172 38.54 8.03 24.02
CA LYS B 172 38.59 6.92 24.94
C LYS B 172 37.19 6.31 25.18
N ARG B 173 36.11 7.07 24.97
CA ARG B 173 34.76 6.51 25.17
C ARG B 173 34.21 5.76 23.95
N VAL B 174 34.81 5.94 22.79
CA VAL B 174 34.13 5.57 21.54
C VAL B 174 33.91 4.07 21.44
N ASN B 175 34.88 3.25 21.83
CA ASN B 175 34.70 1.81 21.66
C ASN B 175 33.53 1.30 22.52
N LYS B 176 33.42 1.76 23.76
CA LYS B 176 32.26 1.33 24.58
C LYS B 176 30.95 1.87 24.00
N GLU B 177 30.92 3.15 23.65
CA GLU B 177 29.69 3.78 23.10
C GLU B 177 29.21 2.97 21.90
N MET B 178 30.15 2.50 21.08
CA MET B 178 29.80 1.73 19.87
C MET B 178 29.32 0.34 20.27
N ARG B 179 29.93 -0.26 21.31
CA ARG B 179 29.41 -1.56 21.76
C ARG B 179 27.97 -1.43 22.24
N ILE B 180 27.64 -0.34 22.94
CA ILE B 180 26.27 -0.15 23.40
C ILE B 180 25.32 0.10 22.23
N PHE B 181 25.76 0.95 21.32
CA PHE B 181 24.96 1.25 20.14
C PHE B 181 24.62 -0.04 19.40
N LEU B 182 25.63 -0.89 19.16
CA LEU B 182 25.42 -2.08 18.35
C LEU B 182 24.59 -3.14 19.07
N ASN B 183 24.81 -3.31 20.38
CA ASN B 183 23.96 -4.21 21.14
C ASN B 183 22.50 -3.77 21.03
N TRP B 184 22.26 -2.46 21.10
CA TRP B 184 20.89 -1.93 20.94
C TRP B 184 20.38 -2.17 19.51
N PHE B 185 21.22 -1.89 18.51
CA PHE B 185 20.79 -1.91 17.11
C PHE B 185 20.32 -3.32 16.73
N ASN B 186 21.04 -4.33 17.19
CA ASN B 186 20.80 -5.68 16.72
C ASN B 186 19.64 -6.34 17.48
N LYS B 187 19.07 -5.67 18.49
CA LYS B 187 17.89 -6.24 19.17
C LYS B 187 16.62 -6.12 18.31
N LYS B 188 16.52 -5.08 17.50
CA LYS B 188 15.35 -4.82 16.69
C LYS B 188 14.05 -4.88 17.53
N ASP B 189 14.00 -4.15 18.64
CA ASP B 189 12.85 -4.24 19.58
C ASP B 189 11.98 -2.98 19.50
N LEU B 190 12.02 -2.30 18.37
CA LEU B 190 11.27 -1.03 18.23
C LEU B 190 10.70 -0.98 16.81
N ASP B 191 9.76 -0.07 16.58
CA ASP B 191 9.23 0.12 15.21
C ASP B 191 10.42 0.37 14.28
N GLY B 192 10.41 -0.30 13.15
CA GLY B 192 11.53 -0.18 12.24
C GLY B 192 11.86 1.25 11.82
N LEU B 193 10.84 2.10 11.64
CA LEU B 193 11.14 3.47 11.18
C LEU B 193 11.79 4.28 12.29
N LEU B 194 11.37 4.04 13.53
CA LEU B 194 11.98 4.75 14.68
C LEU B 194 13.43 4.28 14.86
N ARG B 195 13.67 2.98 14.70
CA ARG B 195 15.03 2.41 14.84
C ARG B 195 15.94 3.08 13.81
N ALA B 196 15.44 3.27 12.59
CA ALA B 196 16.23 3.94 11.54
C ALA B 196 16.57 5.36 11.99
N GLY B 197 15.56 6.10 12.45
CA GLY B 197 15.83 7.49 12.85
C GLY B 197 16.73 7.59 14.08
N ILE B 198 16.53 6.73 15.06
CA ILE B 198 17.40 6.75 16.25
C ILE B 198 18.82 6.31 15.89
N ALA B 199 18.93 5.23 15.13
CA ALA B 199 20.26 4.73 14.75
C ALA B 199 21.07 5.80 14.02
N HIS B 200 20.41 6.55 13.16
CA HIS B 200 21.14 7.56 12.38
C HIS B 200 21.66 8.67 13.31
N LEU B 201 20.80 9.17 14.19
CA LEU B 201 21.20 10.26 15.07
C LEU B 201 22.29 9.80 16.04
N TRP B 202 22.12 8.62 16.62
CA TRP B 202 23.06 8.07 17.59
C TRP B 202 24.44 7.88 16.95
N PHE B 203 24.48 7.28 15.77
CA PHE B 203 25.75 7.08 15.09
C PHE B 203 26.43 8.42 14.80
N GLU B 204 25.68 9.38 14.30
CA GLU B 204 26.24 10.68 13.98
C GLU B 204 26.78 11.38 15.21
N LEU B 205 26.11 11.26 16.34
CA LEU B 205 26.55 11.97 17.56
C LEU B 205 27.87 11.38 18.05
N LEU B 206 28.10 10.09 17.82
CA LEU B 206 29.33 9.40 18.25
C LEU B 206 30.49 9.73 17.31
N HIS B 207 30.21 9.99 16.03
CA HIS B 207 31.26 10.25 15.01
C HIS B 207 32.37 9.24 15.25
N PRO B 208 32.10 7.93 15.12
CA PRO B 208 33.10 6.95 15.57
C PRO B 208 34.33 6.86 14.69
N PHE B 209 34.28 7.27 13.41
CA PHE B 209 35.45 7.24 12.53
C PHE B 209 36.06 8.63 12.35
N ASP B 210 37.32 8.66 11.87
CA ASP B 210 38.00 9.92 11.54
C ASP B 210 37.23 10.69 10.45
N ASP B 211 36.64 9.97 9.51
CA ASP B 211 35.86 10.58 8.43
C ASP B 211 34.94 9.48 7.89
N GLY B 212 33.96 9.87 7.03
CA GLY B 212 33.06 8.92 6.43
C GLY B 212 31.86 8.61 7.29
N ASN B 213 31.71 9.31 8.42
CA ASN B 213 30.60 9.04 9.32
C ASN B 213 29.27 9.36 8.68
N GLY B 214 29.23 10.37 7.81
CA GLY B 214 27.97 10.70 7.14
C GLY B 214 27.53 9.58 6.20
N ARG B 215 28.44 9.11 5.36
CA ARG B 215 28.01 8.08 4.40
C ARG B 215 27.70 6.75 5.08
N ILE B 216 28.49 6.38 6.08
CA ILE B 216 28.23 5.14 6.79
C ILE B 216 26.95 5.24 7.58
N GLY B 217 26.70 6.38 8.25
CA GLY B 217 25.41 6.50 8.93
C GLY B 217 24.20 6.40 8.00
N ARG B 218 24.30 6.91 6.77
CA ARG B 218 23.17 6.79 5.86
C ARG B 218 23.07 5.39 5.31
N ALA B 219 24.20 4.66 5.21
CA ALA B 219 24.11 3.24 4.91
C ALA B 219 23.48 2.45 6.06
N ILE B 220 23.66 2.88 7.32
CA ILE B 220 22.98 2.21 8.43
C ILE B 220 21.45 2.38 8.27
N ILE B 221 21.02 3.55 7.85
CA ILE B 221 19.59 3.76 7.58
C ILE B 221 19.10 2.75 6.55
N ASP B 222 19.86 2.60 5.47
CA ASP B 222 19.49 1.63 4.44
C ASP B 222 19.39 0.21 5.00
N LEU B 223 20.36 -0.19 5.82
CA LEU B 223 20.28 -1.52 6.43
C LEU B 223 19.00 -1.68 7.29
N THR B 224 18.67 -0.67 8.10
CA THR B 224 17.51 -0.72 8.98
C THR B 224 16.20 -0.85 8.18
N LEU B 225 16.07 -0.09 7.12
CA LEU B 225 14.85 -0.14 6.31
C LEU B 225 14.77 -1.44 5.53
N ALA B 226 15.90 -1.98 5.05
CA ALA B 226 15.86 -3.28 4.38
C ALA B 226 15.45 -4.36 5.36
N GLN B 227 15.92 -4.28 6.61
CA GLN B 227 15.46 -5.24 7.64
C GLN B 227 13.96 -5.06 7.91
N ASP B 228 13.52 -3.80 7.97
CA ASP B 228 12.11 -3.56 8.25
C ASP B 228 11.21 -4.10 7.14
N GLU B 229 11.62 -3.94 5.88
CA GLU B 229 10.81 -4.35 4.73
C GLU B 229 11.08 -5.76 4.28
N LYS B 230 12.16 -6.39 4.78
CA LYS B 230 12.68 -7.65 4.20
C LYS B 230 12.86 -7.53 2.69
N GLN B 231 13.57 -6.49 2.27
CA GLN B 231 13.61 -6.17 0.84
C GLN B 231 15.06 -5.88 0.44
N ASN B 232 15.62 -6.70 -0.43
CA ASN B 232 17.06 -6.57 -0.68
C ASN B 232 17.39 -5.55 -1.78
N VAL B 233 16.44 -4.71 -2.17
CA VAL B 233 16.66 -3.60 -3.11
C VAL B 233 16.08 -2.34 -2.47
N ARG B 234 16.80 -1.20 -2.54
CA ARG B 234 16.20 0.06 -2.09
C ARG B 234 15.45 0.67 -3.29
N TYR B 235 14.15 0.84 -3.15
CA TYR B 235 13.35 1.45 -4.21
C TYR B 235 13.07 2.91 -3.88
N TYR B 236 13.76 3.46 -2.90
CA TYR B 236 13.70 4.89 -2.62
C TYR B 236 15.00 5.24 -1.87
N SER B 237 15.33 6.52 -1.81
CA SER B 237 16.62 6.98 -1.21
C SER B 237 16.41 8.10 -0.19
N LEU B 238 16.76 7.86 1.07
CA LEU B 238 16.68 8.91 2.11
C LEU B 238 17.81 9.93 1.87
N SER B 239 18.91 9.50 1.29
CA SER B 239 20.03 10.42 0.95
C SER B 239 19.55 11.47 -0.05
N SER B 240 18.75 11.06 -1.03
CA SER B 240 18.19 11.99 -2.02
C SER B 240 17.23 12.97 -1.32
N ALA B 241 16.48 12.50 -0.34
CA ALA B 241 15.58 13.38 0.45
C ALA B 241 16.41 14.26 1.40
N ILE B 242 17.39 13.66 2.08
CA ILE B 242 18.29 14.46 2.96
C ILE B 242 18.97 15.53 2.14
N MET B 243 19.47 15.14 0.96
CA MET B 243 20.17 16.14 0.16
C MET B 243 19.19 17.23 -0.21
N GLN B 244 17.97 16.86 -0.58
CA GLN B 244 17.02 17.91 -0.94
C GLN B 244 16.72 18.85 0.24
N ASP B 245 16.82 18.35 1.49
CA ASP B 245 16.44 19.09 2.69
C ASP B 245 17.68 19.38 3.55
N ARG B 246 18.85 19.62 2.91
CA ARG B 246 20.10 19.54 3.64
C ARG B 246 20.21 20.65 4.68
N LYS B 247 19.57 21.79 4.43
CA LYS B 247 19.68 22.85 5.42
C LYS B 247 18.98 22.47 6.72
N ASN B 248 17.77 21.88 6.61
CA ASN B 248 17.05 21.46 7.80
C ASN B 248 17.77 20.31 8.48
N TYR B 249 18.39 19.43 7.67
CA TYR B 249 19.15 18.31 8.20
C TYR B 249 20.24 18.80 9.16
N TYR B 250 21.05 19.75 8.71
CA TYR B 250 22.13 20.25 9.56
C TYR B 250 21.61 21.05 10.74
N THR B 251 20.57 21.84 10.52
CA THR B 251 19.99 22.57 11.64
C THR B 251 19.45 21.61 12.68
N GLN B 252 18.75 20.55 12.25
CA GLN B 252 18.19 19.59 13.19
C GLN B 252 19.27 18.76 13.91
N LEU B 253 20.34 18.35 13.22
CA LEU B 253 21.42 17.67 13.92
C LEU B 253 22.03 18.59 14.96
N GLY B 254 22.27 19.87 14.59
CA GLY B 254 22.85 20.82 15.52
C GLY B 254 21.99 21.06 16.74
N LYS B 255 20.68 21.14 16.56
CA LYS B 255 19.78 21.30 17.70
C LYS B 255 19.82 20.07 18.58
N SER B 256 19.75 18.86 17.97
CA SER B 256 19.72 17.60 18.74
C SER B 256 21.00 17.38 19.54
N CYS B 257 22.17 17.67 18.95
CA CYS B 257 23.41 17.39 19.67
C CYS B 257 23.59 18.29 20.90
N ARG B 258 22.84 19.39 21.01
CA ARG B 258 22.88 20.26 22.17
C ARG B 258 21.68 20.08 23.05
N GLY B 259 20.77 19.16 22.69
CA GLY B 259 19.55 18.92 23.43
C GLY B 259 19.73 17.90 24.55
N ASN B 260 18.59 17.52 25.14
CA ASN B 260 18.51 16.45 26.13
C ASN B 260 18.12 15.15 25.40
N MET B 261 17.69 14.13 26.14
CA MET B 261 17.45 12.83 25.54
C MET B 261 16.06 12.75 24.85
N ASP B 262 15.24 13.81 24.92
CA ASP B 262 13.94 13.84 24.24
C ASP B 262 14.22 14.21 22.78
N ILE B 263 14.18 13.21 21.89
CA ILE B 263 14.51 13.43 20.48
C ILE B 263 13.22 13.43 19.65
N THR B 264 12.09 13.83 20.25
CA THR B 264 10.84 13.90 19.49
C THR B 264 11.01 14.70 18.18
N LEU B 265 11.63 15.89 18.26
CA LEU B 265 11.69 16.76 17.08
C LEU B 265 12.60 16.19 16.00
N TRP B 266 13.69 15.55 16.39
CA TRP B 266 14.53 14.84 15.42
C TRP B 266 13.71 13.75 14.68
N LEU B 267 12.93 12.95 15.42
CA LEU B 267 12.22 11.84 14.78
C LEU B 267 11.14 12.35 13.82
N ILE B 268 10.47 13.46 14.17
CA ILE B 268 9.47 14.01 13.27
C ILE B 268 10.15 14.50 12.00
N TRP B 269 11.31 15.15 12.15
CA TRP B 269 12.08 15.54 10.98
C TRP B 269 12.47 14.33 10.15
N PHE B 270 12.97 13.30 10.78
CA PHE B 270 13.38 12.11 10.04
C PHE B 270 12.19 11.41 9.34
N ILE B 271 11.04 11.35 9.96
CA ILE B 271 9.89 10.64 9.32
C ILE B 271 9.42 11.46 8.11
N ASN B 272 9.47 12.78 8.22
CA ASN B 272 9.10 13.65 7.08
C ASN B 272 10.11 13.46 5.94
N CYS B 273 11.38 13.29 6.27
CA CYS B 273 12.41 13.01 5.24
C CYS B 273 12.10 11.67 4.57
N PHE B 274 11.75 10.65 5.36
CA PHE B 274 11.38 9.33 4.82
C PHE B 274 10.19 9.48 3.88
N LYS B 275 9.19 10.25 4.29
CA LYS B 275 7.99 10.46 3.45
C LYS B 275 8.37 11.16 2.13
N THR B 276 9.26 12.14 2.21
CA THR B 276 9.74 12.85 0.99
C THR B 276 10.38 11.82 0.05
N ALA B 277 11.21 10.94 0.60
CA ALA B 277 11.87 9.90 -0.22
C ALA B 277 10.83 9.00 -0.89
N ILE B 278 9.82 8.58 -0.13
CA ILE B 278 8.77 7.74 -0.76
C ILE B 278 8.07 8.50 -1.88
N HIS B 279 7.74 9.76 -1.64
CA HIS B 279 7.03 10.55 -2.63
C HIS B 279 7.88 10.77 -3.88
N GLN B 280 9.18 10.94 -3.72
CA GLN B 280 10.04 11.08 -4.90
C GLN B 280 10.04 9.78 -5.68
N ALA B 281 10.01 8.67 -4.96
CA ALA B 281 9.95 7.37 -5.61
C ALA B 281 8.63 7.14 -6.34
N PHE B 282 7.49 7.62 -5.77
CA PHE B 282 6.21 7.56 -6.50
C PHE B 282 6.35 8.26 -7.84
N GLU B 283 6.93 9.45 -7.79
CA GLU B 283 7.09 10.25 -9.02
C GLU B 283 7.98 9.55 -10.04
N LEU B 284 9.09 8.93 -9.59
CA LEU B 284 9.94 8.18 -10.52
C LEU B 284 9.20 7.01 -11.17
N ILE B 285 8.54 6.16 -10.35
CA ILE B 285 7.88 4.98 -10.91
C ILE B 285 6.73 5.40 -11.81
N ASP B 286 6.03 6.48 -11.44
CA ASP B 286 4.98 7.03 -12.31
C ASP B 286 5.58 7.50 -13.65
N ASP B 287 6.73 8.19 -13.62
CA ASP B 287 7.39 8.63 -14.86
C ASP B 287 7.87 7.45 -15.71
N ILE B 288 8.43 6.42 -15.07
CA ILE B 288 8.87 5.25 -15.81
C ILE B 288 7.69 4.58 -16.50
N THR B 289 6.57 4.34 -15.78
CA THR B 289 5.46 3.64 -16.44
C THR B 289 4.70 4.53 -17.43
N LEU B 290 4.61 5.84 -17.17
CA LEU B 290 4.03 6.72 -18.18
C LEU B 290 4.76 6.61 -19.52
N LYS B 291 6.09 6.57 -19.46
CA LYS B 291 6.87 6.52 -20.68
C LYS B 291 6.66 5.18 -21.40
N SER B 292 6.73 4.07 -20.68
CA SER B 292 6.58 2.79 -21.37
C SER B 292 5.18 2.61 -21.93
N ARG B 293 4.14 3.05 -21.20
CA ARG B 293 2.79 3.03 -21.78
C ARG B 293 2.69 3.92 -23.01
N PHE B 294 3.38 5.04 -22.99
CA PHE B 294 3.36 5.88 -24.17
C PHE B 294 3.91 5.11 -25.37
N TRP B 295 5.06 4.44 -25.20
CA TRP B 295 5.70 3.80 -26.34
C TRP B 295 5.02 2.48 -26.74
N GLU B 296 4.30 1.84 -25.83
CA GLU B 296 3.45 0.73 -26.23
C GLU B 296 2.33 1.23 -27.15
N LYS B 297 1.71 2.35 -26.78
CA LYS B 297 0.62 2.88 -27.60
C LYS B 297 1.09 3.42 -28.95
N HIS B 298 2.30 3.97 -29.01
CA HIS B 298 2.72 4.66 -30.26
C HIS B 298 3.84 3.95 -31.02
N ALA B 299 4.06 2.67 -30.77
CA ALA B 299 5.09 1.98 -31.59
C ALA B 299 4.46 1.69 -32.95
N THR B 300 3.13 1.82 -33.03
CA THR B 300 2.41 1.61 -34.31
C THR B 300 2.36 2.94 -35.05
N THR B 301 2.73 4.03 -34.37
CA THR B 301 2.69 5.37 -35.00
C THR B 301 3.92 5.57 -35.88
N GLU B 302 3.72 5.97 -37.14
CA GLU B 302 4.87 6.28 -37.97
C GLU B 302 5.46 7.63 -37.55
N LEU B 303 6.75 7.64 -37.28
CA LEU B 303 7.48 8.82 -36.84
C LEU B 303 8.87 8.74 -37.44
N ASN B 304 9.47 9.89 -37.77
CA ASN B 304 10.83 9.85 -38.30
C ASN B 304 11.82 9.98 -37.14
N ALA B 305 13.10 9.86 -37.43
CA ALA B 305 14.12 9.85 -36.35
C ALA B 305 14.03 11.12 -35.51
N ARG B 306 13.86 12.27 -36.14
CA ARG B 306 13.83 13.56 -35.39
C ARG B 306 12.68 13.54 -34.40
N GLN B 307 11.50 13.09 -34.83
CA GLN B 307 10.32 13.12 -33.95
C GLN B 307 10.57 12.16 -32.79
N ILE B 308 11.19 11.02 -33.09
CA ILE B 308 11.46 10.06 -32.03
C ILE B 308 12.51 10.62 -31.07
N LYS B 309 13.51 11.31 -31.61
CA LYS B 309 14.50 11.91 -30.73
C LYS B 309 13.84 12.93 -29.82
N VAL B 310 13.01 13.82 -30.37
CA VAL B 310 12.42 14.88 -29.56
C VAL B 310 11.43 14.30 -28.54
N LEU B 311 10.63 13.31 -28.94
CA LEU B 311 9.65 12.71 -28.01
C LEU B 311 10.38 12.08 -26.82
N ASN B 312 11.49 11.38 -27.08
CA ASN B 312 12.24 10.77 -25.97
C ASN B 312 12.81 11.81 -25.03
N ARG B 313 13.38 12.89 -25.57
CA ARG B 313 13.86 13.97 -24.73
C ARG B 313 12.74 14.51 -23.83
N LEU B 314 11.56 14.73 -24.41
CA LEU B 314 10.46 15.26 -23.60
C LEU B 314 9.88 14.19 -22.63
N LEU B 315 9.89 12.93 -23.02
CA LEU B 315 9.29 11.91 -22.13
C LEU B 315 10.18 11.72 -20.91
N ASP B 316 11.48 11.94 -21.05
CA ASP B 316 12.45 11.71 -19.95
C ASP B 316 12.33 12.83 -18.92
N ALA B 317 11.68 13.93 -19.27
CA ALA B 317 11.45 15.02 -18.31
C ALA B 317 10.23 14.65 -17.46
N GLY B 318 9.50 13.63 -17.87
CA GLY B 318 8.37 13.12 -17.09
C GLY B 318 7.17 14.03 -17.03
N LYS B 319 6.27 13.77 -16.09
CA LYS B 319 5.00 14.53 -15.97
C LYS B 319 5.30 16.01 -15.76
N LYS B 320 6.40 16.33 -15.08
CA LYS B 320 6.65 17.76 -14.88
C LYS B 320 6.90 18.48 -16.20
N GLY B 321 7.50 17.79 -17.18
CA GLY B 321 7.66 18.39 -18.52
C GLY B 321 8.75 19.47 -18.60
N PHE B 322 8.81 20.13 -19.77
CA PHE B 322 9.68 21.30 -19.93
C PHE B 322 8.97 22.53 -19.39
N ILE B 323 9.75 23.46 -18.81
CA ILE B 323 9.15 24.65 -18.21
C ILE B 323 8.26 25.40 -19.20
N GLY B 324 8.76 25.68 -20.39
CA GLY B 324 7.89 26.33 -21.34
C GLY B 324 7.16 25.37 -22.28
N GLY B 325 7.21 24.06 -22.04
CA GLY B 325 6.75 23.14 -23.06
C GLY B 325 7.78 23.00 -24.18
N MET B 326 7.45 22.19 -25.18
CA MET B 326 8.26 22.03 -26.38
C MET B 326 7.86 23.13 -27.37
N THR B 327 8.82 23.77 -27.98
CA THR B 327 8.52 24.84 -28.91
C THR B 327 9.22 24.53 -30.23
N THR B 328 8.89 25.29 -31.27
CA THR B 328 9.65 25.18 -32.52
C THR B 328 11.13 25.46 -32.30
N ARG B 329 11.44 26.53 -31.57
CA ARG B 329 12.84 26.86 -31.37
C ARG B 329 13.58 25.74 -30.61
N LYS B 330 12.95 25.15 -29.58
CA LYS B 330 13.62 24.06 -28.87
C LYS B 330 13.77 22.84 -29.79
N TYR B 331 12.76 22.59 -30.62
CA TYR B 331 12.82 21.47 -31.57
C TYR B 331 14.01 21.64 -32.53
N THR B 332 14.24 22.86 -33.05
CA THR B 332 15.40 23.11 -33.91
C THR B 332 16.70 23.19 -33.15
N GLN B 333 16.67 23.38 -31.82
CA GLN B 333 17.95 23.34 -31.07
C GLN B 333 18.35 21.88 -30.88
N LEU B 334 17.37 20.97 -30.80
CA LEU B 334 17.66 19.55 -30.53
C LEU B 334 17.91 18.78 -31.82
N THR B 335 17.33 19.23 -32.94
CA THR B 335 17.40 18.44 -34.19
C THR B 335 18.29 19.13 -35.22
N LYS B 336 18.41 20.45 -35.12
CA LYS B 336 19.24 21.21 -36.09
C LYS B 336 18.53 21.29 -37.45
N THR B 337 17.22 21.08 -37.47
CA THR B 337 16.44 21.21 -38.73
C THR B 337 15.93 22.65 -38.86
N SER B 338 15.28 22.97 -39.97
CA SER B 338 14.75 24.30 -40.17
C SER B 338 13.48 24.51 -39.34
N ARG B 339 13.18 25.79 -39.08
CA ARG B 339 11.95 26.16 -38.39
C ARG B 339 10.73 25.58 -39.10
N THR B 340 10.69 25.69 -40.42
CA THR B 340 9.56 25.20 -41.19
C THR B 340 9.37 23.70 -40.99
N THR B 341 10.46 22.94 -40.98
CA THR B 341 10.32 21.52 -40.78
C THR B 341 9.90 21.22 -39.34
N ALA B 342 10.45 21.94 -38.36
CA ALA B 342 10.07 21.70 -36.97
C ALA B 342 8.62 22.08 -36.72
N TYR B 343 8.19 23.20 -37.30
CA TYR B 343 6.82 23.64 -37.13
C TYR B 343 5.87 22.59 -37.67
N ARG B 344 6.11 22.09 -38.90
CA ARG B 344 5.28 21.05 -39.50
C ARG B 344 5.35 19.73 -38.75
N GLU B 345 6.56 19.31 -38.31
CA GLU B 345 6.69 18.02 -37.62
C GLU B 345 6.01 18.05 -36.25
N LEU B 346 5.96 19.22 -35.61
CA LEU B 346 5.27 19.36 -34.36
C LEU B 346 3.75 19.26 -34.56
N HIS B 347 3.22 19.90 -35.61
CA HIS B 347 1.81 19.75 -35.97
C HIS B 347 1.53 18.29 -36.31
N ASP B 348 2.48 17.62 -36.99
CA ASP B 348 2.31 16.20 -37.30
C ASP B 348 2.16 15.40 -36.00
N LEU B 349 2.93 15.74 -34.98
CA LEU B 349 2.86 15.05 -33.70
C LEU B 349 1.56 15.31 -32.96
N VAL B 350 1.00 16.51 -33.08
CA VAL B 350 -0.34 16.79 -32.56
C VAL B 350 -1.37 15.94 -33.27
N LEU B 351 -1.27 15.86 -34.59
CA LEU B 351 -2.24 15.09 -35.36
C LEU B 351 -2.21 13.62 -34.95
N LYS B 352 -1.02 13.11 -34.72
CA LYS B 352 -0.87 11.74 -34.29
C LYS B 352 -1.09 11.57 -32.79
N LYS B 353 -1.55 12.62 -32.10
CA LYS B 353 -1.93 12.57 -30.69
C LYS B 353 -0.73 12.31 -29.75
N CYS B 354 0.50 12.59 -30.20
CA CYS B 354 1.66 12.43 -29.35
C CYS B 354 1.85 13.63 -28.43
N LEU B 355 1.52 14.80 -28.95
CA LEU B 355 1.69 16.07 -28.26
C LEU B 355 0.33 16.73 -28.20
N LYS B 356 0.22 17.75 -27.35
CA LYS B 356 -0.99 18.57 -27.29
C LYS B 356 -0.56 19.99 -26.98
N PRO B 357 -1.32 20.99 -27.40
CA PRO B 357 -0.89 22.38 -27.18
C PRO B 357 -1.02 22.81 -25.72
N LEU B 358 -0.20 23.78 -25.36
CA LEU B 358 -0.30 24.38 -24.02
C LEU B 358 -1.08 25.69 -24.22
N THR B 359 -1.12 26.55 -23.21
CA THR B 359 -1.93 27.79 -23.31
C THR B 359 -1.07 29.00 -22.98
N LYS B 360 -1.21 30.08 -23.75
CA LYS B 360 -0.43 31.32 -23.51
C LYS B 360 0.11 31.32 -22.08
N SER B 364 3.86 32.55 -28.66
CA SER B 364 4.46 31.46 -29.42
C SER B 364 3.94 30.07 -28.98
N ALA B 365 3.65 29.24 -29.98
CA ALA B 365 3.09 27.91 -29.76
C ALA B 365 3.99 27.06 -28.84
N ALA B 366 3.37 26.26 -27.99
CA ALA B 366 4.12 25.32 -27.17
C ALA B 366 3.29 24.05 -27.06
N TYR B 367 3.98 22.94 -26.83
CA TYR B 367 3.39 21.62 -26.84
C TYR B 367 3.90 20.84 -25.64
N GLU B 368 3.11 19.87 -25.21
CA GLU B 368 3.54 18.96 -24.15
C GLU B 368 3.06 17.56 -24.52
N ILE B 369 3.63 16.57 -23.85
CA ILE B 369 3.23 15.18 -24.06
C ILE B 369 1.75 15.00 -23.75
N ARG B 370 1.07 14.27 -24.63
CA ARG B 370 -0.27 13.75 -24.40
C ARG B 370 -0.11 12.36 -23.80
N TRP B 371 -0.32 12.25 -22.48
CA TRP B 371 0.02 11.01 -21.81
C TRP B 371 -0.99 9.92 -22.17
N VAL B 372 -0.51 8.69 -22.15
CA VAL B 372 -1.34 7.51 -22.39
C VAL B 372 -1.69 7.00 -20.99
N ASN B 373 -2.86 7.38 -20.50
CA ASN B 373 -3.29 7.04 -19.15
C ASN B 373 -4.13 5.78 -19.14
N LYS B 374 -4.01 5.03 -18.05
CA LYS B 374 -4.78 3.79 -17.86
C LYS B 374 -4.41 2.84 -19.01
N GLU B 375 -5.35 2.03 -19.50
CA GLU B 375 -5.05 0.98 -20.47
C GLU B 375 -5.08 1.50 -21.90
N HIS B 376 -3.98 1.27 -22.63
CA HIS B 376 -3.94 1.43 -24.09
C HIS B 376 -2.72 0.68 -24.64
#